data_1VAL
#
_entry.id   1VAL
#
_cell.length_a   134.660
_cell.length_b   155.670
_cell.length_c   71.420
_cell.angle_alpha   90.00
_cell.angle_beta   90.00
_cell.angle_gamma   90.00
#
_symmetry.space_group_name_H-M   'P 21 21 2'
#
loop_
_entity.id
_entity.type
_entity.pdbx_description
1 polymer 'CONCANAVALIN A'
2 non-polymer '4-nitrophenyl alpha-D-glucopyranoside'
3 non-polymer 'MANGANESE (II) ION'
4 non-polymer 'CALCIUM ION'
5 water water
#
_entity_poly.entity_id   1
_entity_poly.type   'polypeptide(L)'
_entity_poly.pdbx_seq_one_letter_code
;ADTIVAVELDTYPNTDIGDPSYPHIGIDIKSVRSKKTAKWNMQNGKVGTAHIIYNSVDKRLSAVVSYPNADSATVSYDVD
LDNVLPEWVRVGLSASTGLYKETNTILSWSFTSKLKSNSTHETNALHFMFNQFSKDQKDLILQGDATTGTDGNLELTRVS
SNGSPQGSSVGRALFYAPVHIWESSAVVASFEATFTFLIKSPDSHPADGIAFFISNIDSSIPSGSTGRLLGLFPDAN
;
_entity_poly.pdbx_strand_id   A,B,C,D
#
loop_
_chem_comp.id
_chem_comp.type
_chem_comp.name
_chem_comp.formula
CA non-polymer 'CALCIUM ION' 'Ca 2'
MN non-polymer 'MANGANESE (II) ION' 'Mn 2'
PNG D-saccharide '4-nitrophenyl alpha-D-glucopyranoside' 'C12 H15 N O8'
#
# COMPACT_ATOMS: atom_id res chain seq x y z
N ALA A 1 17.09 32.37 -2.47
CA ALA A 1 15.86 32.51 -1.64
C ALA A 1 15.92 31.47 -0.52
N ASP A 2 15.55 30.24 -0.85
CA ASP A 2 15.58 29.14 0.08
C ASP A 2 15.93 27.90 -0.75
N THR A 3 15.90 26.73 -0.15
CA THR A 3 16.26 25.53 -0.89
C THR A 3 15.15 24.93 -1.75
N ILE A 4 15.50 24.61 -3.00
CA ILE A 4 14.58 24.02 -3.96
C ILE A 4 15.31 22.98 -4.80
N VAL A 5 14.65 21.83 -5.00
CA VAL A 5 15.17 20.74 -5.81
C VAL A 5 13.95 20.39 -6.66
N ALA A 6 14.11 20.31 -7.98
CA ALA A 6 12.96 20.02 -8.83
C ALA A 6 13.24 19.38 -10.18
N VAL A 7 12.20 18.76 -10.73
CA VAL A 7 12.25 18.12 -12.04
C VAL A 7 11.31 19.01 -12.84
N GLU A 8 11.84 19.61 -13.90
CA GLU A 8 11.05 20.52 -14.73
C GLU A 8 10.68 20.01 -16.11
N LEU A 9 9.46 20.31 -16.50
CA LEU A 9 8.91 19.96 -17.81
C LEU A 9 8.86 21.28 -18.57
N ASP A 10 10.04 21.71 -18.99
CA ASP A 10 10.24 22.96 -19.72
C ASP A 10 9.72 22.88 -21.16
N THR A 11 8.71 23.68 -21.47
CA THR A 11 8.15 23.68 -22.82
C THR A 11 8.70 24.78 -23.72
N TYR A 12 9.41 25.74 -23.13
CA TYR A 12 9.95 26.82 -23.92
C TYR A 12 11.45 27.03 -23.66
N PRO A 13 12.25 26.88 -24.72
CA PRO A 13 13.71 27.02 -24.69
C PRO A 13 14.21 28.44 -24.47
N ASN A 14 14.78 28.66 -23.29
CA ASN A 14 15.37 29.95 -22.90
C ASN A 14 16.90 29.78 -22.99
N THR A 15 17.43 29.95 -24.19
CA THR A 15 18.86 29.77 -24.45
C THR A 15 19.83 30.54 -23.57
N ASP A 16 19.56 31.81 -23.31
CA ASP A 16 20.44 32.63 -22.49
C ASP A 16 20.75 32.05 -21.12
N ILE A 17 19.84 31.27 -20.56
CA ILE A 17 20.05 30.68 -19.24
C ILE A 17 20.50 29.23 -19.27
N GLY A 18 20.50 28.65 -20.47
CA GLY A 18 20.93 27.27 -20.61
C GLY A 18 19.99 26.32 -21.32
N ASP A 19 18.81 26.79 -21.68
CA ASP A 19 17.86 25.90 -22.36
C ASP A 19 18.27 25.51 -23.77
N PRO A 20 18.28 24.20 -24.06
CA PRO A 20 18.65 23.72 -25.39
C PRO A 20 17.55 24.18 -26.36
N SER A 21 17.82 24.17 -27.66
CA SER A 21 16.85 24.63 -28.65
C SER A 21 15.57 23.78 -28.80
N TYR A 22 15.12 23.14 -27.72
CA TYR A 22 13.92 22.30 -27.78
C TYR A 22 13.28 22.12 -26.40
N PRO A 23 11.98 21.75 -26.37
CA PRO A 23 11.25 21.52 -25.12
C PRO A 23 11.96 20.36 -24.44
N HIS A 24 12.20 20.47 -23.13
CA HIS A 24 12.94 19.43 -22.44
C HIS A 24 12.53 19.09 -21.01
N ILE A 25 13.23 18.11 -20.45
CA ILE A 25 13.04 17.63 -19.09
C ILE A 25 14.36 18.00 -18.40
N GLY A 26 14.34 18.18 -17.08
CA GLY A 26 15.58 18.52 -16.40
C GLY A 26 15.56 18.47 -14.89
N ILE A 27 16.71 18.17 -14.30
CA ILE A 27 16.84 18.11 -12.85
C ILE A 27 17.42 19.46 -12.45
N ASP A 28 16.79 20.12 -11.49
CA ASP A 28 17.25 21.43 -11.00
C ASP A 28 17.63 21.30 -9.54
N ILE A 29 18.84 21.72 -9.20
CA ILE A 29 19.28 21.67 -7.81
C ILE A 29 19.80 23.02 -7.39
N LYS A 30 19.01 23.71 -6.55
CA LYS A 30 19.34 25.03 -6.03
C LYS A 30 19.52 26.08 -7.12
N SER A 31 19.10 25.79 -8.35
CA SER A 31 19.23 26.74 -9.45
C SER A 31 18.42 26.33 -10.66
N VAL A 32 18.09 27.30 -11.50
CA VAL A 32 17.29 27.03 -12.70
C VAL A 32 18.14 26.66 -13.91
N ARG A 33 19.42 26.41 -13.67
CA ARG A 33 20.33 25.99 -14.74
C ARG A 33 20.55 24.49 -14.51
N SER A 34 19.68 23.69 -15.13
CA SER A 34 19.68 22.24 -15.00
C SER A 34 21.02 21.50 -15.06
N LYS A 35 21.14 20.51 -14.18
CA LYS A 35 22.33 19.66 -14.07
C LYS A 35 22.27 18.57 -15.15
N LYS A 36 21.07 18.23 -15.60
CA LYS A 36 20.86 17.22 -16.64
C LYS A 36 19.62 17.58 -17.47
N THR A 37 19.66 17.25 -18.76
CA THR A 37 18.57 17.56 -19.68
C THR A 37 18.26 16.37 -20.60
N ALA A 38 17.10 16.40 -21.24
CA ALA A 38 16.69 15.34 -22.15
C ALA A 38 15.54 15.83 -23.03
N LYS A 39 15.73 15.78 -24.35
CA LYS A 39 14.71 16.21 -25.30
C LYS A 39 13.38 15.56 -24.94
N TRP A 40 12.29 16.26 -25.19
CA TRP A 40 10.96 15.74 -24.87
C TRP A 40 9.97 16.13 -25.96
N ASN A 41 9.52 15.15 -26.73
CA ASN A 41 8.56 15.39 -27.81
C ASN A 41 7.22 15.83 -27.21
N MET A 42 7.17 17.08 -26.77
CA MET A 42 5.98 17.65 -26.14
C MET A 42 4.77 17.42 -27.04
N GLN A 43 3.70 16.90 -26.45
CA GLN A 43 2.48 16.67 -27.20
C GLN A 43 1.47 17.69 -26.73
N ASN A 44 1.23 18.70 -27.55
CA ASN A 44 0.28 19.74 -27.21
C ASN A 44 -1.13 19.19 -27.34
N GLY A 45 -1.93 19.34 -26.29
CA GLY A 45 -3.30 18.88 -26.31
C GLY A 45 -3.50 17.52 -25.68
N LYS A 46 -2.44 16.72 -25.64
CA LYS A 46 -2.49 15.37 -25.07
C LYS A 46 -2.33 15.35 -23.56
N VAL A 47 -2.79 14.26 -22.94
CA VAL A 47 -2.69 14.06 -21.50
C VAL A 47 -1.42 13.23 -21.23
N GLY A 48 -0.43 13.85 -20.59
CA GLY A 48 0.83 13.16 -20.33
C GLY A 48 1.05 12.78 -18.88
N THR A 49 1.98 11.85 -18.64
CA THR A 49 2.29 11.39 -17.29
C THR A 49 3.77 11.46 -16.94
N ALA A 50 4.05 11.73 -15.67
CA ALA A 50 5.45 11.81 -15.22
C ALA A 50 5.67 10.98 -13.94
N HIS A 51 6.86 10.40 -13.83
CA HIS A 51 7.21 9.58 -12.68
C HIS A 51 8.57 10.06 -12.19
N ILE A 52 8.66 10.36 -10.90
CA ILE A 52 9.91 10.82 -10.29
C ILE A 52 10.26 9.82 -9.19
N ILE A 53 11.51 9.38 -9.15
CA ILE A 53 11.94 8.41 -8.16
C ILE A 53 13.29 8.75 -7.55
N TYR A 54 13.50 8.33 -6.30
CA TYR A 54 14.75 8.55 -5.58
C TYR A 54 14.90 7.55 -4.44
N ASN A 55 16.14 7.27 -4.05
CA ASN A 55 16.43 6.36 -2.94
C ASN A 55 17.87 6.57 -2.54
N SER A 56 18.14 6.58 -1.25
CA SER A 56 19.49 6.80 -0.73
C SER A 56 20.47 5.65 -0.92
N VAL A 57 20.01 4.53 -1.48
CA VAL A 57 20.90 3.40 -1.70
C VAL A 57 21.85 3.79 -2.84
N ASP A 58 21.39 3.67 -4.08
CA ASP A 58 22.21 4.04 -5.23
C ASP A 58 22.41 5.55 -5.21
N LYS A 59 21.41 6.26 -4.69
CA LYS A 59 21.44 7.71 -4.53
C LYS A 59 21.28 8.55 -5.79
N ARG A 60 20.29 8.22 -6.61
CA ARG A 60 20.06 8.99 -7.82
C ARG A 60 18.61 9.39 -8.03
N LEU A 61 18.41 10.66 -8.40
CA LEU A 61 17.09 11.21 -8.65
C LEU A 61 16.82 11.06 -10.14
N SER A 62 15.71 10.43 -10.50
CA SER A 62 15.39 10.26 -11.93
C SER A 62 13.91 10.45 -12.25
N ALA A 63 13.66 10.88 -13.47
CA ALA A 63 12.30 11.13 -13.92
C ALA A 63 12.05 10.56 -15.31
N VAL A 64 10.77 10.29 -15.58
CA VAL A 64 10.33 9.73 -16.86
C VAL A 64 8.99 10.34 -17.23
N VAL A 65 8.88 10.83 -18.46
CA VAL A 65 7.65 11.45 -18.97
C VAL A 65 7.19 10.66 -20.21
N SER A 66 5.90 10.37 -20.30
CA SER A 66 5.40 9.61 -21.43
C SER A 66 4.02 10.05 -21.88
N TYR A 67 3.60 9.53 -23.04
CA TYR A 67 2.30 9.79 -23.64
C TYR A 67 1.86 8.43 -24.18
N PRO A 68 0.56 8.11 -24.07
CA PRO A 68 0.06 6.82 -24.55
C PRO A 68 0.40 6.58 -26.02
N ASN A 69 0.91 5.40 -26.32
CA ASN A 69 1.29 5.03 -27.68
C ASN A 69 2.22 6.07 -28.30
N ALA A 70 3.33 6.32 -27.61
CA ALA A 70 4.35 7.27 -28.04
C ALA A 70 5.63 6.95 -27.28
N ASP A 71 6.66 7.78 -27.45
CA ASP A 71 7.94 7.58 -26.78
C ASP A 71 7.90 7.92 -25.28
N SER A 72 9.08 8.04 -24.68
CA SER A 72 9.18 8.36 -23.26
C SER A 72 10.50 9.04 -22.98
N ALA A 73 10.48 10.22 -22.40
CA ALA A 73 11.70 10.95 -22.08
C ALA A 73 12.17 10.50 -20.71
N THR A 74 13.48 10.44 -20.51
CA THR A 74 14.06 9.99 -19.25
C THR A 74 15.29 10.80 -18.88
N VAL A 75 15.52 11.00 -17.59
CA VAL A 75 16.69 11.75 -17.13
C VAL A 75 17.01 11.44 -15.67
N SER A 76 18.27 11.13 -15.39
CA SER A 76 18.70 10.81 -14.03
C SER A 76 19.88 11.67 -13.62
N TYR A 77 20.16 11.73 -12.33
CA TYR A 77 21.27 12.52 -11.84
C TYR A 77 21.67 12.06 -10.45
N ASP A 78 22.97 12.05 -10.18
CA ASP A 78 23.49 11.64 -8.89
C ASP A 78 23.39 12.81 -7.93
N VAL A 79 22.60 12.63 -6.86
CA VAL A 79 22.42 13.69 -5.89
C VAL A 79 22.07 13.16 -4.50
N ASP A 80 22.90 13.50 -3.53
CA ASP A 80 22.67 13.10 -2.15
C ASP A 80 21.90 14.23 -1.47
N LEU A 81 20.57 14.10 -1.44
CA LEU A 81 19.71 15.12 -0.85
C LEU A 81 20.14 15.49 0.57
N ASP A 82 20.80 14.58 1.26
CA ASP A 82 21.26 14.84 2.62
C ASP A 82 22.15 16.08 2.65
N ASN A 83 22.82 16.36 1.54
CA ASN A 83 23.71 17.50 1.43
C ASN A 83 23.05 18.68 0.71
N VAL A 84 21.80 18.52 0.30
CA VAL A 84 21.09 19.58 -0.43
C VAL A 84 19.77 20.03 0.17
N LEU A 85 19.19 19.25 1.07
CA LEU A 85 17.90 19.62 1.62
C LEU A 85 17.72 19.57 3.13
N PRO A 86 16.80 20.40 3.65
CA PRO A 86 16.57 20.40 5.09
C PRO A 86 15.90 19.05 5.40
N GLU A 87 16.17 18.52 6.57
CA GLU A 87 15.60 17.24 7.00
C GLU A 87 14.08 17.21 6.85
N TRP A 88 13.43 18.37 7.04
CA TRP A 88 11.98 18.49 6.91
C TRP A 88 11.63 19.44 5.75
N VAL A 89 10.68 19.04 4.92
CA VAL A 89 10.30 19.85 3.77
C VAL A 89 8.82 19.76 3.40
N ARG A 90 8.47 20.39 2.28
CA ARG A 90 7.11 20.37 1.74
C ARG A 90 7.30 20.05 0.26
N VAL A 91 6.33 19.38 -0.34
CA VAL A 91 6.45 19.05 -1.76
C VAL A 91 5.28 19.59 -2.55
N GLY A 92 5.52 20.02 -3.78
CA GLY A 92 4.43 20.55 -4.56
C GLY A 92 4.67 20.63 -6.05
N LEU A 93 3.67 21.15 -6.75
CA LEU A 93 3.71 21.32 -8.18
C LEU A 93 3.65 22.81 -8.50
N SER A 94 4.42 23.23 -9.49
CA SER A 94 4.47 24.63 -9.92
C SER A 94 4.28 24.72 -11.43
N ALA A 95 4.02 25.92 -11.92
CA ALA A 95 3.83 26.18 -13.35
C ALA A 95 3.89 27.69 -13.58
N SER A 96 3.97 28.11 -14.85
CA SER A 96 4.04 29.53 -15.16
C SER A 96 3.94 29.81 -16.64
N THR A 97 3.72 31.07 -16.97
CA THR A 97 3.65 31.55 -18.35
C THR A 97 4.33 32.91 -18.37
N GLY A 98 4.32 33.59 -19.51
CA GLY A 98 4.95 34.90 -19.62
C GLY A 98 4.39 35.61 -20.83
N LEU A 99 5.20 35.69 -21.89
CA LEU A 99 4.77 36.32 -23.14
C LEU A 99 3.88 35.32 -23.88
N TYR A 100 4.33 34.07 -23.90
CA TYR A 100 3.60 32.99 -24.54
C TYR A 100 2.88 32.24 -23.44
N LYS A 101 1.81 31.53 -23.78
CA LYS A 101 1.05 30.81 -22.79
C LYS A 101 0.73 29.36 -23.10
N GLU A 102 0.06 28.70 -22.16
CA GLU A 102 -0.35 27.31 -22.26
C GLU A 102 -1.15 26.99 -21.00
N THR A 103 -1.89 25.89 -21.02
CA THR A 103 -2.65 25.46 -19.86
C THR A 103 -1.86 24.40 -19.09
N ASN A 104 -1.58 24.68 -17.82
CA ASN A 104 -0.84 23.76 -16.98
C ASN A 104 -1.83 23.06 -16.04
N THR A 105 -2.65 22.20 -16.63
CA THR A 105 -3.68 21.46 -15.93
C THR A 105 -3.24 20.10 -15.41
N ILE A 106 -3.27 19.94 -14.09
CA ILE A 106 -2.91 18.68 -13.43
C ILE A 106 -4.18 17.88 -13.19
N LEU A 107 -4.28 16.71 -13.82
CA LEU A 107 -5.47 15.87 -13.67
C LEU A 107 -5.46 14.94 -12.46
N SER A 108 -4.29 14.71 -11.88
CA SER A 108 -4.17 13.84 -10.70
C SER A 108 -2.73 13.82 -10.26
N TRP A 109 -2.51 13.66 -8.96
CA TRP A 109 -1.17 13.66 -8.38
C TRP A 109 -1.11 12.74 -7.16
N SER A 110 -0.01 12.02 -7.01
CA SER A 110 0.18 11.13 -5.87
C SER A 110 1.64 11.16 -5.43
N PHE A 111 1.90 10.83 -4.17
CA PHE A 111 3.26 10.87 -3.65
C PHE A 111 3.41 9.92 -2.45
N THR A 112 4.57 9.25 -2.38
CA THR A 112 4.87 8.31 -1.31
C THR A 112 6.31 8.52 -0.82
N SER A 113 6.49 8.58 0.49
CA SER A 113 7.81 8.81 1.08
C SER A 113 7.98 7.90 2.30
N LYS A 114 9.00 7.05 2.28
CA LYS A 114 9.26 6.12 3.38
C LYS A 114 10.66 6.32 3.95
N LEU A 115 10.82 5.93 5.21
CA LEU A 115 12.09 6.02 5.91
C LEU A 115 12.28 4.68 6.61
N LYS A 116 13.11 3.82 6.06
CA LYS A 116 13.38 2.53 6.67
C LYS A 116 14.52 2.68 7.67
N SER A 117 14.25 2.28 8.90
CA SER A 117 15.23 2.38 9.96
C SER A 117 16.23 1.23 9.93
N ASN A 118 17.14 1.26 10.89
CA ASN A 118 18.17 0.25 11.04
C ASN A 118 17.59 -0.90 11.86
N SER A 119 16.60 -0.57 12.69
CA SER A 119 15.92 -1.53 13.55
C SER A 119 14.68 -2.12 12.86
N THR A 120 14.59 -3.44 12.86
CA THR A 120 13.47 -4.15 12.24
C THR A 120 12.08 -3.58 12.56
N HIS A 121 11.25 -3.56 11.53
CA HIS A 121 9.87 -3.05 11.59
C HIS A 121 9.75 -1.58 11.96
N GLU A 122 10.85 -0.85 11.84
CA GLU A 122 10.84 0.56 12.11
C GLU A 122 10.83 1.26 10.76
N THR A 123 9.64 1.64 10.31
CA THR A 123 9.48 2.29 9.03
C THR A 123 8.48 3.41 9.17
N ASN A 124 8.86 4.60 8.71
CA ASN A 124 7.97 5.74 8.76
C ASN A 124 7.61 6.08 7.33
N ALA A 125 6.30 6.22 7.06
CA ALA A 125 5.85 6.51 5.72
C ALA A 125 4.68 7.49 5.67
N LEU A 126 4.56 8.13 4.51
CA LEU A 126 3.51 9.09 4.24
C LEU A 126 3.16 8.90 2.79
N HIS A 127 1.87 8.94 2.49
CA HIS A 127 1.42 8.77 1.11
C HIS A 127 0.03 9.34 0.96
N PHE A 128 -0.13 10.19 -0.05
CA PHE A 128 -1.42 10.80 -0.37
C PHE A 128 -1.69 10.53 -1.84
N MET A 129 -2.95 10.52 -2.24
CA MET A 129 -3.27 10.26 -3.64
C MET A 129 -4.50 11.04 -4.10
N PHE A 130 -4.26 12.10 -4.87
CA PHE A 130 -5.34 12.93 -5.40
C PHE A 130 -5.74 12.45 -6.79
N ASN A 131 -6.94 11.90 -6.91
CA ASN A 131 -7.44 11.42 -8.20
C ASN A 131 -8.61 12.32 -8.63
N GLN A 132 -8.98 13.23 -7.74
CA GLN A 132 -10.07 14.16 -7.99
C GLN A 132 -9.89 15.31 -7.02
N PHE A 133 -9.68 16.51 -7.55
CA PHE A 133 -9.51 17.70 -6.74
C PHE A 133 -10.88 18.35 -6.56
N SER A 134 -11.10 19.00 -5.41
CA SER A 134 -12.39 19.63 -5.16
C SER A 134 -12.30 21.16 -5.07
N LYS A 135 -13.46 21.81 -5.02
CA LYS A 135 -13.52 23.26 -4.94
C LYS A 135 -12.75 23.82 -3.75
N ASP A 136 -12.85 23.17 -2.61
CA ASP A 136 -12.15 23.63 -1.42
C ASP A 136 -11.22 22.54 -0.85
N GLN A 137 -10.20 22.20 -1.61
CA GLN A 137 -9.22 21.17 -1.23
C GLN A 137 -8.41 21.64 -0.01
N LYS A 138 -8.99 21.54 1.18
CA LYS A 138 -8.35 21.99 2.42
C LYS A 138 -6.94 21.48 2.75
N ASP A 139 -6.51 20.38 2.14
CA ASP A 139 -5.17 19.83 2.44
C ASP A 139 -4.03 20.29 1.55
N LEU A 140 -4.30 21.26 0.69
CA LEU A 140 -3.29 21.81 -0.23
C LEU A 140 -3.14 23.29 0.04
N ILE A 141 -1.93 23.80 -0.10
CA ILE A 141 -1.65 25.22 0.07
C ILE A 141 -1.55 25.78 -1.34
N LEU A 142 -2.65 26.32 -1.86
CA LEU A 142 -2.65 26.89 -3.20
C LEU A 142 -2.02 28.29 -3.21
N GLN A 143 -1.07 28.49 -4.10
CA GLN A 143 -0.37 29.76 -4.20
C GLN A 143 -0.46 30.29 -5.64
N GLY A 144 -0.30 31.59 -5.80
CA GLY A 144 -0.36 32.19 -7.12
C GLY A 144 -1.75 32.12 -7.72
N ASP A 145 -1.84 31.78 -8.99
CA ASP A 145 -3.13 31.70 -9.68
C ASP A 145 -3.69 30.27 -9.72
N ALA A 146 -3.17 29.43 -8.84
CA ALA A 146 -3.60 28.03 -8.75
C ALA A 146 -5.02 27.93 -8.19
N THR A 147 -5.87 27.18 -8.85
CA THR A 147 -7.24 27.03 -8.39
C THR A 147 -7.68 25.59 -8.57
N THR A 148 -8.68 25.18 -7.79
CA THR A 148 -9.18 23.83 -7.85
C THR A 148 -10.68 23.80 -8.10
N GLY A 149 -11.17 22.72 -8.71
CA GLY A 149 -12.59 22.62 -8.97
C GLY A 149 -12.96 22.44 -10.42
N THR A 150 -12.28 23.18 -11.30
CA THR A 150 -12.53 23.11 -12.74
C THR A 150 -12.42 21.67 -13.23
N ASP A 151 -13.56 21.01 -13.37
CA ASP A 151 -13.63 19.63 -13.84
C ASP A 151 -12.91 18.69 -12.86
N GLY A 152 -12.77 19.13 -11.62
CA GLY A 152 -12.10 18.31 -10.63
C GLY A 152 -10.60 18.31 -10.83
N ASN A 153 -10.09 19.23 -11.64
CA ASN A 153 -8.67 19.34 -11.93
C ASN A 153 -8.03 20.44 -11.09
N LEU A 154 -6.71 20.58 -11.24
CA LEU A 154 -5.97 21.62 -10.53
C LEU A 154 -5.32 22.50 -11.58
N GLU A 155 -5.79 23.74 -11.69
CA GLU A 155 -5.25 24.70 -12.64
C GLU A 155 -4.13 25.49 -11.95
N LEU A 156 -2.89 25.24 -12.35
CA LEU A 156 -1.76 25.94 -11.76
C LEU A 156 -1.63 27.39 -12.24
N THR A 157 -1.95 27.63 -13.51
CA THR A 157 -1.86 28.98 -14.07
C THR A 157 -3.22 29.43 -14.59
N ARG A 158 -3.44 30.76 -14.54
CA ARG A 158 -4.68 31.38 -14.94
C ARG A 158 -5.26 30.97 -16.28
N VAL A 159 -6.53 30.63 -16.26
CA VAL A 159 -7.27 30.22 -17.46
C VAL A 159 -8.53 31.07 -17.55
N SER A 160 -8.78 31.61 -18.73
CA SER A 160 -9.93 32.45 -18.99
C SER A 160 -11.21 31.63 -18.87
N SER A 161 -12.32 32.32 -18.58
CA SER A 161 -13.63 31.68 -18.43
C SER A 161 -14.02 30.69 -19.52
N ASN A 162 -13.55 30.93 -20.74
CA ASN A 162 -13.85 30.05 -21.88
C ASN A 162 -12.86 28.90 -21.98
N GLY A 163 -11.73 29.02 -21.31
CA GLY A 163 -10.72 27.98 -21.33
C GLY A 163 -9.36 28.44 -21.80
N SER A 164 -9.31 29.56 -22.52
CA SER A 164 -8.04 30.07 -23.03
C SER A 164 -7.01 30.41 -21.94
N PRO A 165 -5.75 30.02 -22.16
CA PRO A 165 -4.65 30.28 -21.22
C PRO A 165 -4.37 31.78 -21.11
N GLN A 166 -3.60 32.18 -20.12
CA GLN A 166 -3.26 33.59 -19.95
C GLN A 166 -1.79 33.75 -19.60
N GLY A 167 -1.13 34.65 -20.33
CA GLY A 167 0.29 34.88 -20.09
C GLY A 167 0.62 35.45 -18.73
N SER A 168 1.91 35.58 -18.45
CA SER A 168 2.41 36.12 -17.19
C SER A 168 1.67 35.64 -15.94
N SER A 169 1.48 34.33 -15.83
CA SER A 169 0.77 33.75 -14.70
C SER A 169 1.70 32.86 -13.87
N VAL A 170 1.45 32.75 -12.57
CA VAL A 170 2.27 31.91 -11.68
C VAL A 170 1.45 31.31 -10.55
N GLY A 171 1.41 29.98 -10.48
CA GLY A 171 0.67 29.29 -9.44
C GLY A 171 1.46 28.16 -8.80
N ARG A 172 0.95 27.60 -7.71
CA ARG A 172 1.62 26.51 -7.02
C ARG A 172 0.65 25.70 -6.19
N ALA A 173 1.08 24.50 -5.81
CA ALA A 173 0.27 23.61 -4.99
C ALA A 173 1.17 22.78 -4.10
N LEU A 174 1.10 23.00 -2.79
CA LEU A 174 1.91 22.25 -1.85
C LEU A 174 1.01 21.42 -0.96
N PHE A 175 1.36 20.16 -0.72
CA PHE A 175 0.54 19.33 0.16
C PHE A 175 0.67 20.02 1.52
N TYR A 176 -0.39 19.95 2.32
CA TYR A 176 -0.40 20.64 3.61
C TYR A 176 0.62 20.26 4.69
N ALA A 177 0.75 18.97 4.96
CA ALA A 177 1.65 18.49 5.99
C ALA A 177 3.12 18.39 5.60
N PRO A 178 4.03 18.76 6.51
CA PRO A 178 5.47 18.69 6.25
C PRO A 178 5.87 17.23 6.05
N VAL A 179 6.87 17.00 5.21
CA VAL A 179 7.37 15.66 4.91
C VAL A 179 8.78 15.50 5.44
N HIS A 180 9.02 14.39 6.13
CA HIS A 180 10.34 14.10 6.69
C HIS A 180 11.19 13.40 5.63
N ILE A 181 11.62 14.16 4.62
CA ILE A 181 12.39 13.65 3.49
C ILE A 181 13.62 12.77 3.79
N TRP A 182 14.32 13.04 4.89
CA TRP A 182 15.48 12.21 5.22
C TRP A 182 15.80 12.18 6.71
N GLU A 183 16.66 11.24 7.10
CA GLU A 183 17.06 11.08 8.50
C GLU A 183 18.40 10.37 8.51
N SER A 184 19.27 10.76 9.43
CA SER A 184 20.60 10.19 9.54
C SER A 184 20.73 8.72 9.95
N SER A 185 19.71 8.18 10.62
CA SER A 185 19.75 6.78 11.05
C SER A 185 19.11 5.85 10.02
N ALA A 186 18.26 6.42 9.17
CA ALA A 186 17.56 5.68 8.13
C ALA A 186 18.50 4.91 7.20
N VAL A 187 18.30 3.60 7.16
CA VAL A 187 19.10 2.70 6.33
C VAL A 187 18.77 2.94 4.86
N VAL A 188 17.50 3.20 4.59
CA VAL A 188 17.02 3.47 3.25
C VAL A 188 16.00 4.60 3.33
N ALA A 189 16.13 5.57 2.43
CA ALA A 189 15.23 6.73 2.38
C ALA A 189 14.81 6.94 0.93
N SER A 190 13.52 6.96 0.67
CA SER A 190 13.06 7.13 -0.69
C SER A 190 11.72 7.83 -0.81
N PHE A 191 11.44 8.31 -2.01
CA PHE A 191 10.18 8.97 -2.31
C PHE A 191 9.93 8.76 -3.78
N GLU A 192 8.69 8.97 -4.20
CA GLU A 192 8.32 8.84 -5.60
C GLU A 192 6.98 9.51 -5.81
N ALA A 193 6.91 10.35 -6.84
CA ALA A 193 5.69 11.08 -7.16
C ALA A 193 5.21 10.75 -8.56
N THR A 194 3.93 10.99 -8.82
CA THR A 194 3.33 10.73 -10.13
C THR A 194 2.16 11.67 -10.37
N PHE A 195 2.05 12.16 -11.60
CA PHE A 195 0.95 13.04 -11.96
C PHE A 195 0.65 13.08 -13.46
N THR A 196 -0.63 13.07 -13.80
CA THR A 196 -1.03 13.16 -15.21
C THR A 196 -1.29 14.64 -15.45
N PHE A 197 -1.13 15.10 -16.68
CA PHE A 197 -1.30 16.51 -16.97
C PHE A 197 -1.80 16.77 -18.38
N LEU A 198 -2.13 18.04 -18.62
CA LEU A 198 -2.62 18.49 -19.90
C LEU A 198 -1.99 19.86 -20.16
N ILE A 199 -1.15 19.96 -21.19
CA ILE A 199 -0.52 21.22 -21.57
C ILE A 199 -1.02 21.52 -22.97
N LYS A 200 -1.93 22.48 -23.05
CA LYS A 200 -2.51 22.88 -24.33
C LYS A 200 -2.30 24.36 -24.55
N SER A 201 -2.02 24.74 -25.79
CA SER A 201 -1.80 26.13 -26.14
C SER A 201 -2.22 26.42 -27.58
N PRO A 202 -2.55 27.69 -27.87
CA PRO A 202 -2.96 28.12 -29.21
C PRO A 202 -1.81 28.66 -30.05
N ASP A 203 -1.03 29.56 -29.47
CA ASP A 203 0.09 30.17 -30.18
C ASP A 203 1.19 29.21 -30.64
N SER A 204 2.03 29.72 -31.53
CA SER A 204 3.13 28.97 -32.13
C SER A 204 4.06 28.25 -31.14
N HIS A 205 4.16 28.74 -29.91
CA HIS A 205 5.01 28.08 -28.94
C HIS A 205 4.51 28.23 -27.51
N PRO A 206 4.10 27.12 -26.89
CA PRO A 206 3.60 27.10 -25.52
C PRO A 206 4.74 27.41 -24.57
N ALA A 207 4.41 27.88 -23.38
CA ALA A 207 5.40 28.22 -22.35
C ALA A 207 4.65 28.41 -21.05
N ASP A 208 5.30 28.18 -19.91
CA ASP A 208 6.71 27.82 -19.86
C ASP A 208 6.95 26.37 -19.42
N GLY A 209 5.94 25.77 -18.78
CA GLY A 209 6.10 24.39 -18.35
C GLY A 209 5.40 24.09 -17.04
N ILE A 210 5.74 22.93 -16.47
CA ILE A 210 5.19 22.45 -15.18
C ILE A 210 6.39 21.87 -14.44
N ALA A 211 6.34 21.82 -13.11
CA ALA A 211 7.46 21.28 -12.35
C ALA A 211 7.06 20.72 -11.00
N PHE A 212 7.81 19.74 -10.54
CA PHE A 212 7.59 19.10 -9.25
C PHE A 212 8.81 19.53 -8.43
N PHE A 213 8.59 20.23 -7.32
CA PHE A 213 9.71 20.68 -6.54
C PHE A 213 9.59 20.25 -5.10
N ILE A 214 10.69 20.38 -4.38
CA ILE A 214 10.77 20.04 -2.97
C ILE A 214 11.54 21.21 -2.36
N SER A 215 10.91 21.92 -1.44
CA SER A 215 11.53 23.06 -0.81
C SER A 215 11.25 23.06 0.68
N ASN A 216 11.81 24.03 1.38
CA ASN A 216 11.60 24.14 2.83
C ASN A 216 10.16 24.53 3.11
N ILE A 217 9.65 24.03 4.25
CA ILE A 217 8.29 24.24 4.71
C ILE A 217 7.71 25.61 4.35
N ASP A 218 8.39 26.66 4.76
CA ASP A 218 7.93 28.02 4.45
C ASP A 218 8.45 28.38 3.06
N SER A 219 7.53 28.55 2.12
CA SER A 219 7.94 28.87 0.76
C SER A 219 6.77 29.40 -0.06
N SER A 220 7.05 30.43 -0.84
CA SER A 220 6.02 31.03 -1.68
C SER A 220 6.69 31.49 -2.96
N ILE A 221 5.90 31.71 -3.99
CA ILE A 221 6.41 32.14 -5.27
C ILE A 221 7.31 33.35 -5.08
N PRO A 222 8.62 33.19 -5.36
CA PRO A 222 9.59 34.28 -5.21
C PRO A 222 9.28 35.48 -6.09
N SER A 223 9.55 36.68 -5.58
CA SER A 223 9.26 37.90 -6.31
C SER A 223 9.84 37.91 -7.71
N GLY A 224 8.96 38.00 -8.70
CA GLY A 224 9.38 38.05 -10.09
C GLY A 224 9.78 36.75 -10.74
N SER A 225 9.37 35.64 -10.16
CA SER A 225 9.69 34.33 -10.72
C SER A 225 8.71 33.89 -11.79
N THR A 226 8.35 34.82 -12.67
CA THR A 226 7.42 34.55 -13.77
C THR A 226 8.16 33.97 -14.96
N GLY A 227 7.40 33.46 -15.93
CA GLY A 227 7.99 32.89 -17.15
C GLY A 227 9.11 31.87 -16.99
N ARG A 228 10.27 32.20 -17.55
CA ARG A 228 11.43 31.31 -17.51
C ARG A 228 11.88 30.84 -16.12
N LEU A 229 11.39 31.48 -15.05
CA LEU A 229 11.79 31.04 -13.72
C LEU A 229 10.81 30.05 -13.08
N LEU A 230 9.80 29.65 -13.86
CA LEU A 230 8.80 28.68 -13.44
C LEU A 230 8.15 28.86 -12.06
N GLY A 231 8.39 30.00 -11.42
CA GLY A 231 7.83 30.26 -10.11
C GLY A 231 8.59 29.56 -9.00
N LEU A 232 9.79 29.08 -9.32
CA LEU A 232 10.61 28.37 -8.35
C LEU A 232 11.86 29.14 -7.92
N PHE A 233 12.47 29.84 -8.86
CA PHE A 233 13.69 30.58 -8.57
C PHE A 233 13.54 32.09 -8.73
N PRO A 234 14.19 32.86 -7.84
CA PRO A 234 14.14 34.32 -7.87
C PRO A 234 14.99 34.90 -9.02
N ASP A 235 15.88 34.09 -9.58
CA ASP A 235 16.73 34.53 -10.66
C ASP A 235 17.40 33.36 -11.35
N ALA A 236 17.98 33.63 -12.53
CA ALA A 236 18.65 32.59 -13.31
C ALA A 236 20.15 32.54 -13.08
N ASN A 237 20.60 32.94 -11.91
CA ASN A 237 22.02 32.90 -11.60
C ASN A 237 22.42 31.62 -10.87
N ALA B 1 -19.54 22.64 21.62
CA ALA B 1 -18.09 22.94 21.49
C ALA B 1 -17.53 22.04 20.39
N ASP B 2 -16.30 21.57 20.56
CA ASP B 2 -15.69 20.69 19.57
C ASP B 2 -16.57 19.46 19.35
N THR B 3 -16.61 18.97 18.11
CA THR B 3 -17.39 17.79 17.78
C THR B 3 -16.40 16.63 17.83
N ILE B 4 -16.61 15.70 18.75
CA ILE B 4 -15.69 14.58 18.93
C ILE B 4 -16.29 13.19 18.86
N VAL B 5 -15.52 12.25 18.32
CA VAL B 5 -15.89 10.84 18.22
C VAL B 5 -14.63 10.13 18.73
N ALA B 6 -14.77 9.21 19.68
CA ALA B 6 -13.59 8.56 20.22
C ALA B 6 -13.74 7.15 20.73
N VAL B 7 -12.65 6.40 20.66
CA VAL B 7 -12.58 5.03 21.17
C VAL B 7 -11.74 5.19 22.42
N GLU B 8 -12.32 4.88 23.57
CA GLU B 8 -11.62 5.05 24.83
C GLU B 8 -11.12 3.79 25.53
N LEU B 9 -9.82 3.76 25.80
CA LEU B 9 -9.20 2.66 26.53
C LEU B 9 -9.23 3.15 27.98
N ASP B 10 -10.37 2.92 28.63
CA ASP B 10 -10.58 3.38 29.99
C ASP B 10 -10.02 2.47 31.09
N THR B 11 -9.03 2.97 31.82
CA THR B 11 -8.40 2.20 32.90
C THR B 11 -9.04 2.39 34.28
N TYR B 12 -9.43 3.62 34.62
CA TYR B 12 -10.06 3.88 35.91
C TYR B 12 -11.57 3.98 35.78
N PRO B 13 -12.32 3.22 36.60
CA PRO B 13 -13.78 3.25 36.54
C PRO B 13 -14.39 4.43 37.28
N ASN B 14 -15.07 5.30 36.54
CA ASN B 14 -15.74 6.45 37.12
C ASN B 14 -17.23 6.10 37.07
N THR B 15 -17.64 5.22 37.98
CA THR B 15 -19.02 4.75 38.07
C THR B 15 -20.00 5.90 38.13
N ASP B 16 -19.59 6.97 38.82
CA ASP B 16 -20.40 8.17 38.98
C ASP B 16 -20.86 8.76 37.65
N ILE B 17 -20.12 8.51 36.58
CA ILE B 17 -20.49 9.04 35.26
C ILE B 17 -20.83 7.96 34.25
N GLY B 18 -21.24 6.80 34.74
CA GLY B 18 -21.61 5.72 33.85
C GLY B 18 -20.55 4.66 33.55
N ASP B 19 -19.31 4.91 33.94
CA ASP B 19 -18.26 3.93 33.70
C ASP B 19 -18.59 2.58 34.32
N PRO B 20 -18.48 1.50 33.53
CA PRO B 20 -18.75 0.16 34.03
C PRO B 20 -17.84 -0.03 35.24
N SER B 21 -18.18 -0.97 36.12
CA SER B 21 -17.41 -1.19 37.33
C SER B 21 -16.00 -1.77 37.15
N TYR B 22 -15.47 -1.71 35.94
CA TYR B 22 -14.15 -2.29 35.65
C TYR B 22 -13.51 -1.62 34.43
N PRO B 23 -12.18 -1.70 34.30
CA PRO B 23 -11.48 -1.09 33.15
C PRO B 23 -12.16 -1.64 31.89
N HIS B 24 -12.25 -0.83 30.84
CA HIS B 24 -12.96 -1.26 29.64
C HIS B 24 -12.61 -0.43 28.43
N ILE B 25 -13.32 -0.71 27.33
CA ILE B 25 -13.15 0.04 26.09
C ILE B 25 -14.56 0.40 25.62
N GLY B 26 -14.75 1.64 25.17
CA GLY B 26 -16.06 2.06 24.73
C GLY B 26 -16.04 3.09 23.63
N ILE B 27 -17.11 3.11 22.84
CA ILE B 27 -17.24 4.05 21.74
C ILE B 27 -18.02 5.31 22.16
N ASP B 28 -17.37 6.46 22.05
CA ASP B 28 -17.95 7.76 22.41
C ASP B 28 -18.40 8.54 21.18
N ILE B 29 -19.70 8.70 21.03
CA ILE B 29 -20.24 9.44 19.89
C ILE B 29 -20.70 10.82 20.35
N LYS B 30 -19.72 11.62 20.77
CA LYS B 30 -19.91 13.01 21.23
C LYS B 30 -20.11 13.25 22.72
N SER B 31 -19.93 12.22 23.54
CA SER B 31 -20.07 12.35 24.99
C SER B 31 -19.12 11.39 25.68
N VAL B 32 -18.70 11.72 26.89
CA VAL B 32 -17.78 10.85 27.65
C VAL B 32 -18.57 9.60 28.05
N ARG B 33 -19.88 9.73 28.05
CA ARG B 33 -20.77 8.64 28.40
C ARG B 33 -20.92 7.69 27.21
N SER B 34 -20.01 6.71 27.13
CA SER B 34 -19.98 5.72 26.06
C SER B 34 -21.30 5.18 25.55
N LYS B 35 -21.42 5.08 24.24
CA LYS B 35 -22.62 4.56 23.60
C LYS B 35 -22.62 3.03 23.66
N LYS B 36 -21.47 2.46 24.02
CA LYS B 36 -21.33 1.01 24.13
C LYS B 36 -19.93 0.70 24.66
N THR B 37 -19.83 -0.28 25.56
CA THR B 37 -18.56 -0.68 26.13
C THR B 37 -18.38 -2.20 26.19
N ALA B 38 -17.16 -2.62 26.47
CA ALA B 38 -16.82 -4.03 26.57
C ALA B 38 -15.73 -4.11 27.64
N LYS B 39 -15.72 -5.17 28.43
CA LYS B 39 -14.72 -5.30 29.49
C LYS B 39 -13.34 -5.51 28.90
N TRP B 40 -12.38 -4.76 29.42
CA TRP B 40 -11.02 -4.82 28.94
C TRP B 40 -10.08 -5.25 30.06
N ASN B 41 -9.52 -6.45 29.92
CA ASN B 41 -8.60 -6.96 30.93
C ASN B 41 -7.26 -6.31 30.66
N MET B 42 -7.00 -5.21 31.36
CA MET B 42 -5.73 -4.51 31.19
C MET B 42 -4.58 -5.43 31.61
N GLN B 43 -3.38 -5.16 31.12
CA GLN B 43 -2.22 -5.97 31.45
C GLN B 43 -1.04 -5.06 31.81
N ASN B 44 -1.16 -4.37 32.94
CA ASN B 44 -0.14 -3.44 33.41
C ASN B 44 1.29 -3.72 33.01
N GLY B 45 1.82 -2.87 32.13
CA GLY B 45 3.20 -3.03 31.68
C GLY B 45 3.41 -3.82 30.40
N LYS B 46 2.33 -4.33 29.83
CA LYS B 46 2.44 -5.09 28.60
C LYS B 46 2.03 -4.21 27.41
N VAL B 47 2.85 -4.26 26.35
CA VAL B 47 2.60 -3.51 25.13
C VAL B 47 1.40 -4.12 24.43
N GLY B 48 0.34 -3.34 24.27
CA GLY B 48 -0.85 -3.85 23.61
C GLY B 48 -1.08 -3.18 22.28
N THR B 49 -2.04 -3.70 21.50
CA THR B 49 -2.34 -3.12 20.20
C THR B 49 -3.82 -2.79 20.09
N ALA B 50 -4.11 -1.63 19.53
CA ALA B 50 -5.47 -1.17 19.32
C ALA B 50 -5.73 -1.21 17.82
N HIS B 51 -6.91 -1.68 17.42
CA HIS B 51 -7.30 -1.76 16.01
C HIS B 51 -8.67 -1.14 15.82
N ILE B 52 -8.75 -0.04 15.08
CA ILE B 52 -10.04 0.60 14.83
C ILE B 52 -10.29 0.66 13.32
N ILE B 53 -11.51 0.32 12.91
CA ILE B 53 -11.90 0.31 11.49
C ILE B 53 -13.34 0.78 11.29
N TYR B 54 -13.62 1.34 10.12
CA TYR B 54 -14.95 1.82 9.80
C TYR B 54 -15.09 2.02 8.30
N ASN B 55 -16.29 1.76 7.78
CA ASN B 55 -16.59 1.94 6.35
C ASN B 55 -18.04 2.37 6.23
N SER B 56 -18.34 3.18 5.23
CA SER B 56 -19.67 3.70 5.02
C SER B 56 -20.68 2.69 4.50
N VAL B 57 -20.26 1.45 4.26
CA VAL B 57 -21.18 0.44 3.75
C VAL B 57 -21.96 -0.19 4.91
N ASP B 58 -21.33 -0.17 6.08
CA ASP B 58 -21.93 -0.74 7.28
C ASP B 58 -22.28 0.32 8.31
N LYS B 59 -21.60 1.46 8.25
CA LYS B 59 -21.83 2.53 9.22
C LYS B 59 -21.50 2.00 10.60
N ARG B 60 -20.64 0.99 10.69
CA ARG B 60 -20.29 0.44 11.98
C ARG B 60 -18.85 0.73 12.36
N LEU B 61 -18.68 1.34 13.53
CA LEU B 61 -17.37 1.66 14.05
C LEU B 61 -16.94 0.43 14.86
N SER B 62 -15.74 -0.08 14.62
CA SER B 62 -15.24 -1.24 15.36
C SER B 62 -13.85 -1.05 15.94
N ALA B 63 -13.62 -1.58 17.12
CA ALA B 63 -12.33 -1.48 17.78
C ALA B 63 -12.00 -2.83 18.39
N VAL B 64 -10.70 -3.13 18.47
CA VAL B 64 -10.23 -4.38 19.05
C VAL B 64 -8.95 -4.07 19.82
N VAL B 65 -8.94 -4.41 21.10
CA VAL B 65 -7.75 -4.20 21.91
C VAL B 65 -7.30 -5.59 22.33
N SER B 66 -6.04 -5.91 22.05
CA SER B 66 -5.51 -7.21 22.40
C SER B 66 -4.10 -7.13 22.95
N TYR B 67 -3.67 -8.20 23.63
CA TYR B 67 -2.34 -8.31 24.21
C TYR B 67 -1.76 -9.66 23.77
N PRO B 68 -0.43 -9.78 23.76
CA PRO B 68 0.18 -11.06 23.34
C PRO B 68 -0.15 -12.11 24.41
N ASN B 69 -0.48 -13.33 23.97
CA ASN B 69 -0.80 -14.42 24.89
C ASN B 69 -2.13 -14.29 25.63
N ALA B 70 -3.02 -13.41 25.15
CA ALA B 70 -4.32 -13.23 25.80
C ALA B 70 -5.41 -12.90 24.80
N ASP B 71 -6.66 -13.14 25.19
CA ASP B 71 -7.80 -12.87 24.33
C ASP B 71 -7.97 -11.36 24.20
N SER B 72 -8.80 -10.94 23.25
CA SER B 72 -9.03 -9.54 22.99
C SER B 72 -10.43 -9.07 23.31
N ALA B 73 -10.57 -7.76 23.51
CA ALA B 73 -11.84 -7.13 23.80
C ALA B 73 -12.30 -6.39 22.55
N THR B 74 -13.30 -6.92 21.89
CA THR B 74 -13.84 -6.29 20.70
C THR B 74 -15.00 -5.38 21.09
N VAL B 75 -15.32 -4.43 20.22
CA VAL B 75 -16.43 -3.51 20.47
C VAL B 75 -16.83 -2.86 19.14
N SER B 76 -18.13 -2.75 18.91
CA SER B 76 -18.63 -2.16 17.68
C SER B 76 -19.99 -1.52 17.87
N TYR B 77 -20.25 -0.47 17.10
CA TYR B 77 -21.49 0.28 17.19
C TYR B 77 -21.86 0.77 15.79
N ASP B 78 -23.15 0.92 15.54
CA ASP B 78 -23.62 1.43 14.25
C ASP B 78 -23.73 2.94 14.39
N VAL B 79 -22.89 3.67 13.66
CA VAL B 79 -22.92 5.12 13.69
C VAL B 79 -22.59 5.70 12.32
N ASP B 80 -23.58 6.37 11.73
CA ASP B 80 -23.41 7.01 10.43
C ASP B 80 -22.57 8.27 10.66
N LEU B 81 -21.25 8.11 10.67
CA LEU B 81 -20.33 9.23 10.91
C LEU B 81 -20.52 10.49 10.06
N ASP B 82 -21.06 10.35 8.86
CA ASP B 82 -21.26 11.52 8.01
C ASP B 82 -22.38 12.39 8.60
N ASN B 83 -23.16 11.79 9.49
CA ASN B 83 -24.25 12.49 10.16
C ASN B 83 -23.82 12.98 11.53
N VAL B 84 -22.51 13.06 11.76
CA VAL B 84 -21.98 13.52 13.05
C VAL B 84 -20.74 14.39 12.89
N LEU B 85 -19.88 14.04 11.94
CA LEU B 85 -18.65 14.76 11.73
C LEU B 85 -18.68 15.66 10.51
N PRO B 86 -17.78 16.65 10.46
CA PRO B 86 -17.72 17.55 9.31
C PRO B 86 -17.13 16.74 8.15
N GLU B 87 -17.17 17.28 6.93
CA GLU B 87 -16.59 16.58 5.79
C GLU B 87 -15.07 16.46 5.98
N TRP B 88 -14.47 17.47 6.63
CA TRP B 88 -13.04 17.50 6.90
C TRP B 88 -12.84 17.51 8.41
N VAL B 89 -11.87 16.76 8.88
CA VAL B 89 -11.60 16.63 10.31
C VAL B 89 -10.11 16.56 10.60
N ARG B 90 -9.79 16.15 11.83
CA ARG B 90 -8.40 15.96 12.25
C ARG B 90 -8.39 14.72 13.15
N VAL B 91 -7.43 13.83 12.94
CA VAL B 91 -7.35 12.61 13.74
C VAL B 91 -6.23 12.76 14.75
N GLY B 92 -6.35 12.10 15.90
CA GLY B 92 -5.30 12.21 16.90
C GLY B 92 -5.47 11.29 18.09
N LEU B 93 -4.53 11.36 19.02
CA LEU B 93 -4.55 10.54 20.23
C LEU B 93 -4.68 11.47 21.43
N SER B 94 -5.22 10.95 22.53
CA SER B 94 -5.39 11.73 23.75
C SER B 94 -5.23 10.83 24.96
N ALA B 95 -4.75 11.41 26.07
CA ALA B 95 -4.54 10.66 27.29
C ALA B 95 -4.51 11.61 28.49
N SER B 96 -4.86 11.09 29.66
CA SER B 96 -4.90 11.88 30.88
C SER B 96 -4.75 11.07 32.15
N THR B 97 -4.37 11.77 33.22
CA THR B 97 -4.21 11.19 34.54
C THR B 97 -4.99 12.08 35.52
N GLY B 98 -5.36 11.54 36.67
CA GLY B 98 -6.09 12.31 37.65
C GLY B 98 -5.36 12.23 38.97
N LEU B 99 -6.07 11.78 40.01
CA LEU B 99 -5.47 11.62 41.34
C LEU B 99 -4.43 10.50 41.23
N TYR B 100 -4.87 9.39 40.64
CA TYR B 100 -4.01 8.22 40.43
C TYR B 100 -3.40 8.40 39.04
N LYS B 101 -2.22 7.82 38.80
CA LYS B 101 -1.57 7.99 37.50
C LYS B 101 -0.97 6.75 36.87
N GLU B 102 -0.49 6.91 35.62
CA GLU B 102 0.12 5.85 34.83
C GLU B 102 0.90 6.49 33.69
N THR B 103 1.53 5.68 32.85
CA THR B 103 2.26 6.17 31.69
C THR B 103 1.39 5.82 30.47
N ASN B 104 1.18 6.78 29.57
CA ASN B 104 0.37 6.54 28.39
C ASN B 104 1.30 6.63 27.19
N THR B 105 2.29 5.75 27.17
CA THR B 105 3.26 5.75 26.10
C THR B 105 2.74 5.12 24.81
N ILE B 106 2.99 5.78 23.69
CA ILE B 106 2.57 5.28 22.40
C ILE B 106 3.83 4.85 21.64
N LEU B 107 3.93 3.56 21.32
CA LEU B 107 5.10 3.05 20.60
C LEU B 107 4.99 3.32 19.11
N SER B 108 3.81 3.10 18.53
CA SER B 108 3.63 3.35 17.10
C SER B 108 2.18 3.70 16.81
N TRP B 109 1.99 4.48 15.74
CA TRP B 109 0.66 4.93 15.32
C TRP B 109 0.59 4.86 13.79
N SER B 110 -0.52 4.34 13.27
CA SER B 110 -0.70 4.22 11.83
C SER B 110 -2.16 4.52 11.52
N PHE B 111 -2.42 5.18 10.39
CA PHE B 111 -3.78 5.56 9.97
C PHE B 111 -3.91 5.55 8.46
N THR B 112 -5.10 5.25 7.95
CA THR B 112 -5.33 5.22 6.53
C THR B 112 -6.76 5.63 6.22
N SER B 113 -6.91 6.61 5.35
CA SER B 113 -8.23 7.10 4.96
C SER B 113 -8.34 6.90 3.46
N LYS B 114 -9.36 6.15 3.02
CA LYS B 114 -9.58 5.91 1.60
C LYS B 114 -11.01 6.28 1.22
N LEU B 115 -11.11 7.29 0.37
CA LEU B 115 -12.39 7.81 -0.07
C LEU B 115 -12.55 7.47 -1.55
N LYS B 116 -13.24 6.37 -1.84
CA LYS B 116 -13.45 5.94 -3.21
C LYS B 116 -14.68 6.60 -3.79
N SER B 117 -14.45 7.49 -4.75
CA SER B 117 -15.53 8.20 -5.42
C SER B 117 -16.45 7.24 -6.15
N ASN B 118 -17.39 7.80 -6.89
CA ASN B 118 -18.36 7.02 -7.65
C ASN B 118 -17.89 6.78 -9.10
N SER B 119 -16.82 7.47 -9.48
CA SER B 119 -16.27 7.34 -10.84
C SER B 119 -15.28 6.19 -10.99
N THR B 120 -15.65 5.20 -11.79
CA THR B 120 -14.85 4.00 -12.07
C THR B 120 -14.00 3.53 -10.89
N HIS B 121 -12.84 4.15 -10.71
CA HIS B 121 -11.96 3.81 -9.59
C HIS B 121 -11.03 4.99 -9.26
N GLU B 122 -11.58 6.20 -9.40
CA GLU B 122 -10.84 7.41 -9.10
C GLU B 122 -10.92 7.58 -7.59
N THR B 123 -9.94 6.99 -6.92
CA THR B 123 -9.89 7.00 -5.47
C THR B 123 -8.92 8.05 -4.91
N ASN B 124 -9.24 8.54 -3.71
CA ASN B 124 -8.42 9.52 -3.02
C ASN B 124 -8.04 8.87 -1.70
N ALA B 125 -6.80 9.05 -1.26
CA ALA B 125 -6.38 8.43 -0.01
C ALA B 125 -5.19 9.03 0.68
N LEU B 126 -5.14 8.87 1.99
CA LEU B 126 -4.06 9.37 2.81
C LEU B 126 -3.64 8.23 3.72
N HIS B 127 -2.34 8.13 3.98
CA HIS B 127 -1.82 7.11 4.86
C HIS B 127 -0.52 7.54 5.47
N PHE B 128 -0.47 7.62 6.80
CA PHE B 128 0.76 7.96 7.50
C PHE B 128 1.01 6.79 8.44
N MET B 129 2.26 6.62 8.86
CA MET B 129 2.60 5.52 9.74
C MET B 129 3.89 5.86 10.44
N PHE B 130 3.88 5.77 11.77
CA PHE B 130 5.07 6.06 12.56
C PHE B 130 5.44 4.83 13.36
N ASN B 131 6.72 4.51 13.36
CA ASN B 131 7.24 3.39 14.15
C ASN B 131 8.39 3.93 14.95
N GLN B 132 8.64 5.23 14.80
CA GLN B 132 9.72 5.91 15.49
C GLN B 132 9.33 7.38 15.52
N PHE B 133 9.18 7.95 16.71
CA PHE B 133 8.82 9.35 16.88
C PHE B 133 10.07 10.17 17.18
N SER B 134 10.34 11.17 16.36
CA SER B 134 11.53 12.02 16.53
C SER B 134 11.31 13.17 17.52
N LYS B 135 12.39 13.69 18.09
CA LYS B 135 12.33 14.79 19.05
C LYS B 135 11.57 16.01 18.49
N ASP B 136 11.92 16.42 17.27
CA ASP B 136 11.20 17.53 16.66
C ASP B 136 10.48 16.87 15.49
N GLN B 137 9.19 16.63 15.70
CA GLN B 137 8.33 15.97 14.72
C GLN B 137 7.46 17.01 14.00
N LYS B 138 8.02 17.68 12.99
CA LYS B 138 7.30 18.71 12.26
C LYS B 138 5.93 18.35 11.64
N ASP B 139 5.51 17.11 11.77
CA ASP B 139 4.22 16.72 11.20
C ASP B 139 3.16 16.37 12.24
N LEU B 140 3.46 16.65 13.51
CA LEU B 140 2.53 16.38 14.60
C LEU B 140 2.27 17.64 15.42
N ILE B 141 0.99 17.92 15.66
CA ILE B 141 0.60 19.07 16.47
C ILE B 141 0.52 18.54 17.88
N LEU B 142 1.50 18.87 18.72
CA LEU B 142 1.47 18.41 20.10
C LEU B 142 0.65 19.37 20.94
N GLN B 143 -0.14 18.83 21.87
CA GLN B 143 -0.96 19.65 22.75
C GLN B 143 -0.86 19.15 24.18
N GLY B 144 -0.91 20.06 25.14
CA GLY B 144 -0.83 19.67 26.53
C GLY B 144 0.58 19.31 26.91
N ASP B 145 0.73 18.21 27.65
CA ASP B 145 2.04 17.73 28.10
C ASP B 145 2.68 16.71 27.16
N ALA B 146 2.01 16.41 26.04
CA ALA B 146 2.54 15.45 25.07
C ALA B 146 3.94 15.83 24.61
N THR B 147 4.86 14.89 24.76
CA THR B 147 6.24 15.07 24.37
C THR B 147 6.62 13.97 23.40
N THR B 148 7.73 14.13 22.70
CA THR B 148 8.21 13.13 21.76
C THR B 148 9.73 13.06 21.80
N GLY B 149 10.29 12.06 21.14
CA GLY B 149 11.74 11.91 21.13
C GLY B 149 12.24 11.07 22.29
N THR B 150 11.37 10.86 23.29
CA THR B 150 11.70 10.06 24.46
C THR B 150 11.72 8.58 24.09
N ASP B 151 12.92 8.04 23.86
CA ASP B 151 13.12 6.64 23.49
C ASP B 151 12.54 6.40 22.09
N GLY B 152 12.28 7.49 21.37
CA GLY B 152 11.70 7.39 20.05
C GLY B 152 10.22 7.07 20.14
N ASN B 153 9.62 7.42 21.28
CA ASN B 153 8.21 7.16 21.51
C ASN B 153 7.46 8.47 21.71
N LEU B 154 6.15 8.37 21.88
CA LEU B 154 5.31 9.55 22.10
C LEU B 154 4.80 9.49 23.54
N GLU B 155 5.01 10.55 24.29
CA GLU B 155 4.57 10.59 25.68
C GLU B 155 3.37 11.52 25.87
N LEU B 156 2.18 10.98 25.65
CA LEU B 156 0.95 11.74 25.78
C LEU B 156 0.85 12.54 27.08
N THR B 157 1.08 11.90 28.22
CA THR B 157 0.99 12.57 29.52
C THR B 157 2.36 12.85 30.13
N ARG B 158 2.37 13.43 31.33
CA ARG B 158 3.61 13.75 32.02
C ARG B 158 4.30 12.56 32.67
N VAL B 159 5.63 12.58 32.63
CA VAL B 159 6.46 11.52 33.21
C VAL B 159 7.75 12.19 33.69
N SER B 160 8.27 11.72 34.82
CA SER B 160 9.51 12.24 35.38
C SER B 160 10.69 11.48 34.78
N SER B 161 11.86 12.11 34.77
CA SER B 161 13.09 11.54 34.23
C SER B 161 13.26 10.05 34.54
N ASN B 162 12.94 9.67 35.76
CA ASN B 162 13.05 8.29 36.21
C ASN B 162 11.93 7.39 35.71
N GLY B 163 11.27 7.80 34.64
CA GLY B 163 10.19 7.01 34.07
C GLY B 163 8.96 6.89 34.96
N SER B 164 8.82 7.80 35.93
CA SER B 164 7.67 7.78 36.81
C SER B 164 6.59 8.75 36.35
N PRO B 165 5.38 8.24 36.09
CA PRO B 165 4.27 9.07 35.63
C PRO B 165 3.87 10.17 36.62
N GLN B 166 3.08 11.13 36.13
CA GLN B 166 2.59 12.23 36.94
C GLN B 166 1.07 12.24 36.87
N GLY B 167 0.45 12.90 37.85
CA GLY B 167 -1.00 12.99 37.88
C GLY B 167 -1.47 14.36 37.42
N SER B 168 -2.79 14.51 37.28
CA SER B 168 -3.39 15.77 36.87
C SER B 168 -2.76 16.23 35.55
N SER B 169 -2.50 15.28 34.67
CA SER B 169 -1.88 15.56 33.39
C SER B 169 -2.81 15.29 32.20
N VAL B 170 -2.51 15.95 31.10
CA VAL B 170 -3.29 15.81 29.87
C VAL B 170 -2.41 16.19 28.68
N GLY B 171 -2.51 15.42 27.63
CA GLY B 171 -1.73 15.69 26.43
C GLY B 171 -2.42 15.04 25.26
N ARG B 172 -2.25 15.63 24.08
CA ARG B 172 -2.86 15.10 22.87
C ARG B 172 -1.85 15.22 21.77
N ALA B 173 -2.01 14.39 20.75
CA ALA B 173 -1.14 14.41 19.58
C ALA B 173 -2.04 14.38 18.35
N LEU B 174 -1.97 15.42 17.54
CA LEU B 174 -2.79 15.48 16.34
C LEU B 174 -1.95 15.49 15.07
N PHE B 175 -2.39 14.76 14.05
CA PHE B 175 -1.67 14.72 12.77
C PHE B 175 -1.93 16.06 12.09
N TYR B 176 -0.88 16.66 11.55
CA TYR B 176 -0.94 17.98 10.90
C TYR B 176 -1.94 18.21 9.78
N ALA B 177 -1.90 17.38 8.75
CA ALA B 177 -2.80 17.57 7.62
C ALA B 177 -4.26 17.21 7.87
N PRO B 178 -5.20 18.10 7.50
CA PRO B 178 -6.63 17.86 7.69
C PRO B 178 -6.98 16.57 6.98
N VAL B 179 -8.01 15.87 7.46
CA VAL B 179 -8.41 14.61 6.86
C VAL B 179 -9.84 14.69 6.34
N HIS B 180 -10.00 14.46 5.04
CA HIS B 180 -11.33 14.50 4.40
C HIS B 180 -12.02 13.17 4.66
N ILE B 181 -12.60 13.04 5.84
CA ILE B 181 -13.27 11.82 6.28
C ILE B 181 -14.50 11.38 5.50
N TRP B 182 -15.18 12.30 4.83
CA TRP B 182 -16.36 11.92 4.05
C TRP B 182 -16.70 12.86 2.91
N GLU B 183 -17.16 12.25 1.82
CA GLU B 183 -17.56 12.95 0.62
C GLU B 183 -18.99 12.48 0.46
N SER B 184 -19.73 13.04 -0.50
CA SER B 184 -21.12 12.64 -0.71
C SER B 184 -21.30 12.11 -2.13
N SER B 185 -20.19 11.99 -2.83
CA SER B 185 -20.20 11.50 -4.20
C SER B 185 -19.32 10.26 -4.28
N ALA B 186 -19.00 9.71 -3.11
CA ALA B 186 -18.19 8.51 -3.00
C ALA B 186 -19.09 7.32 -2.75
N VAL B 187 -18.76 6.18 -3.35
CA VAL B 187 -19.56 4.97 -3.16
C VAL B 187 -19.17 4.27 -1.87
N VAL B 188 -17.90 4.37 -1.49
CA VAL B 188 -17.39 3.76 -0.28
C VAL B 188 -16.43 4.71 0.41
N ALA B 189 -16.60 4.87 1.72
CA ALA B 189 -15.73 5.73 2.53
C ALA B 189 -15.21 4.80 3.63
N SER B 190 -13.93 4.89 3.94
CA SER B 190 -13.36 4.00 4.95
C SER B 190 -12.08 4.54 5.58
N PHE B 191 -11.84 4.13 6.82
CA PHE B 191 -10.64 4.55 7.53
C PHE B 191 -10.24 3.50 8.56
N GLU B 192 -9.01 3.62 9.05
CA GLU B 192 -8.53 2.71 10.08
C GLU B 192 -7.22 3.18 10.70
N ALA B 193 -7.10 2.98 12.00
CA ALA B 193 -5.91 3.35 12.74
C ALA B 193 -5.53 2.19 13.63
N THR B 194 -4.25 2.16 13.99
CA THR B 194 -3.73 1.11 14.83
C THR B 194 -2.61 1.73 15.62
N PHE B 195 -2.58 1.48 16.92
CA PHE B 195 -1.50 2.01 17.73
C PHE B 195 -1.12 0.97 18.77
N THR B 196 0.10 1.07 19.26
CA THR B 196 0.58 0.14 20.27
C THR B 196 0.94 1.01 21.45
N PHE B 197 0.35 0.69 22.59
CA PHE B 197 0.56 1.46 23.80
C PHE B 197 1.28 0.67 24.87
N LEU B 198 1.83 1.40 25.84
CA LEU B 198 2.53 0.82 26.96
C LEU B 198 2.13 1.60 28.19
N ILE B 199 1.15 1.05 28.92
CA ILE B 199 0.62 1.66 30.13
C ILE B 199 1.21 0.95 31.35
N LYS B 200 1.95 1.68 32.18
CA LYS B 200 2.50 1.09 33.40
C LYS B 200 2.20 2.04 34.54
N SER B 201 1.53 1.51 35.56
CA SER B 201 1.15 2.29 36.73
C SER B 201 1.70 1.64 37.99
N PRO B 202 2.14 2.47 38.95
CA PRO B 202 2.71 2.00 40.22
C PRO B 202 1.66 1.87 41.35
N ASP B 203 0.76 2.84 41.42
CA ASP B 203 -0.24 2.88 42.48
C ASP B 203 -1.36 1.83 42.46
N SER B 204 -1.12 0.70 41.81
CA SER B 204 -2.10 -0.39 41.76
C SER B 204 -3.52 0.10 41.44
N HIS B 205 -3.61 1.27 40.80
CA HIS B 205 -4.86 1.90 40.42
C HIS B 205 -4.61 2.79 39.21
N PRO B 206 -4.24 2.19 38.07
CA PRO B 206 -3.98 3.00 36.88
C PRO B 206 -5.18 3.85 36.47
N ALA B 207 -4.88 5.10 36.14
CA ALA B 207 -5.86 6.08 35.70
C ALA B 207 -5.12 7.04 34.78
N ASP B 208 -5.73 7.40 33.65
CA ASP B 208 -7.17 7.37 33.48
C ASP B 208 -7.56 6.70 32.17
N GLY B 209 -6.69 6.79 31.17
CA GLY B 209 -6.99 6.18 29.89
C GLY B 209 -6.29 6.78 28.70
N ILE B 210 -6.55 6.19 27.54
CA ILE B 210 -5.98 6.60 26.27
C ILE B 210 -7.19 6.59 25.35
N ALA B 211 -7.15 7.37 24.27
CA ALA B 211 -8.27 7.40 23.35
C ALA B 211 -7.90 7.89 21.98
N PHE B 212 -8.43 7.21 20.97
CA PHE B 212 -8.19 7.62 19.59
C PHE B 212 -9.39 8.51 19.32
N PHE B 213 -9.18 9.66 18.69
CA PHE B 213 -10.28 10.55 18.42
C PHE B 213 -10.22 11.21 17.06
N ILE B 214 -11.41 11.59 16.60
CA ILE B 214 -11.57 12.30 15.34
C ILE B 214 -12.28 13.58 15.79
N SER B 215 -11.85 14.72 15.29
CA SER B 215 -12.47 15.97 15.71
C SER B 215 -12.47 17.03 14.62
N ASN B 216 -12.78 18.25 15.03
CA ASN B 216 -12.81 19.40 14.14
C ASN B 216 -11.38 19.91 14.02
N ILE B 217 -11.03 20.40 12.83
CA ILE B 217 -9.70 20.89 12.53
C ILE B 217 -9.05 21.70 13.63
N ASP B 218 -9.82 22.59 14.24
CA ASP B 218 -9.30 23.44 15.32
C ASP B 218 -9.48 22.95 16.76
N SER B 219 -9.65 21.65 16.96
CA SER B 219 -9.84 21.08 18.30
C SER B 219 -8.67 21.36 19.28
N SER B 220 -8.99 21.40 20.57
CA SER B 220 -7.98 21.67 21.60
C SER B 220 -8.43 21.16 22.96
N ILE B 221 -7.48 20.95 23.86
CA ILE B 221 -7.78 20.44 25.18
C ILE B 221 -8.76 21.34 25.92
N PRO B 222 -9.93 20.80 26.29
CA PRO B 222 -10.93 21.60 27.01
C PRO B 222 -10.37 21.89 28.40
N SER B 223 -10.99 22.79 29.15
CA SER B 223 -10.51 23.09 30.49
C SER B 223 -10.96 22.06 31.50
N GLY B 224 -10.06 21.70 32.40
CA GLY B 224 -10.38 20.72 33.43
C GLY B 224 -10.77 19.38 32.84
N SER B 225 -10.24 19.09 31.66
CA SER B 225 -10.53 17.85 30.97
C SER B 225 -9.62 16.73 31.49
N THR B 226 -8.59 17.14 32.24
CA THR B 226 -7.65 16.21 32.85
C THR B 226 -8.48 15.27 33.73
N GLY B 227 -7.95 14.09 34.03
CA GLY B 227 -8.69 13.15 34.85
C GLY B 227 -9.71 12.33 34.07
N ARG B 228 -10.90 12.17 34.64
CA ARG B 228 -11.94 11.35 34.02
C ARG B 228 -12.48 11.80 32.67
N LEU B 229 -12.09 12.99 32.21
CA LEU B 229 -12.59 13.44 30.91
C LEU B 229 -11.64 13.19 29.73
N LEU B 230 -10.52 12.53 30.03
CA LEU B 230 -9.52 12.14 29.03
C LEU B 230 -9.05 13.26 28.09
N GLY B 231 -9.01 14.49 28.59
CA GLY B 231 -8.59 15.62 27.78
C GLY B 231 -9.39 15.75 26.48
N LEU B 232 -10.63 15.28 26.49
CA LEU B 232 -11.47 15.32 25.30
C LEU B 232 -12.80 16.05 25.45
N PHE B 233 -13.40 15.96 26.64
CA PHE B 233 -14.69 16.59 26.87
C PHE B 233 -14.61 17.64 27.97
N PRO B 234 -15.50 18.66 27.91
CA PRO B 234 -15.60 19.77 28.87
C PRO B 234 -16.48 19.46 30.08
N ASP B 235 -17.22 18.35 30.01
CA ASP B 235 -18.11 17.94 31.09
C ASP B 235 -18.52 16.48 30.91
N ALA B 236 -19.13 15.92 31.95
CA ALA B 236 -19.58 14.53 31.93
C ALA B 236 -21.07 14.39 31.56
N ASN B 237 -21.48 15.10 30.51
CA ASN B 237 -22.85 15.04 30.04
C ASN B 237 -22.85 14.11 28.83
N ALA C 1 18.99 -25.07 -19.21
CA ALA C 1 19.72 -24.22 -18.24
C ALA C 1 18.71 -23.27 -17.62
N ASP C 2 19.08 -22.62 -16.52
CA ASP C 2 18.18 -21.68 -15.86
C ASP C 2 18.78 -20.28 -15.87
N THR C 3 17.91 -19.28 -15.98
CA THR C 3 18.34 -17.89 -15.98
C THR C 3 18.26 -17.45 -14.53
N ILE C 4 19.37 -16.97 -13.99
CA ILE C 4 19.41 -16.56 -12.59
C ILE C 4 20.00 -15.18 -12.40
N VAL C 5 19.28 -14.36 -11.63
CA VAL C 5 19.73 -13.02 -11.28
C VAL C 5 19.56 -13.11 -9.77
N ALA C 6 20.58 -12.73 -9.01
CA ALA C 6 20.48 -12.84 -7.57
C ALA C 6 21.44 -11.98 -6.79
N VAL C 7 21.09 -11.72 -5.53
CA VAL C 7 21.93 -10.96 -4.63
C VAL C 7 22.35 -11.98 -3.59
N GLU C 8 23.65 -12.21 -3.49
CA GLU C 8 24.19 -13.19 -2.57
C GLU C 8 24.81 -12.67 -1.29
N LEU C 9 24.37 -13.19 -0.16
CA LEU C 9 24.92 -12.83 1.15
C LEU C 9 25.88 -13.97 1.49
N ASP C 10 27.03 -13.98 0.81
CA ASP C 10 28.07 -15.00 0.96
C ASP C 10 28.85 -14.89 2.26
N THR C 11 28.85 -15.97 3.02
CA THR C 11 29.55 -16.02 4.29
C THR C 11 30.93 -16.65 4.20
N TYR C 12 31.10 -17.64 3.33
CA TYR C 12 32.38 -18.32 3.16
C TYR C 12 33.10 -17.90 1.88
N PRO C 13 34.30 -17.31 2.01
CA PRO C 13 35.11 -16.85 0.89
C PRO C 13 35.88 -17.94 0.12
N ASN C 14 35.40 -18.30 -1.06
CA ASN C 14 36.06 -19.30 -1.90
C ASN C 14 36.98 -18.55 -2.84
N THR C 15 38.11 -18.08 -2.35
CA THR C 15 39.08 -17.34 -3.15
C THR C 15 39.34 -17.95 -4.53
N ASP C 16 39.30 -19.28 -4.63
CA ASP C 16 39.55 -19.94 -5.90
C ASP C 16 38.58 -19.55 -7.02
N ILE C 17 37.34 -19.22 -6.68
CA ILE C 17 36.35 -18.81 -7.68
C ILE C 17 36.19 -17.29 -7.68
N GLY C 18 37.25 -16.59 -7.30
CA GLY C 18 37.22 -15.14 -7.28
C GLY C 18 36.46 -14.48 -6.16
N ASP C 19 36.33 -15.17 -5.03
CA ASP C 19 35.62 -14.60 -3.89
C ASP C 19 36.57 -13.73 -3.08
N PRO C 20 36.06 -12.63 -2.51
CA PRO C 20 36.92 -11.77 -1.70
C PRO C 20 37.38 -12.57 -0.48
N SER C 21 38.50 -12.17 0.11
CA SER C 21 39.02 -12.87 1.28
C SER C 21 38.28 -12.49 2.56
N TYR C 22 36.95 -12.46 2.50
CA TYR C 22 36.12 -12.09 3.65
C TYR C 22 34.65 -12.26 3.25
N PRO C 23 33.75 -12.41 4.24
CA PRO C 23 32.33 -12.55 3.92
C PRO C 23 31.88 -11.31 3.16
N HIS C 24 30.91 -11.46 2.26
CA HIS C 24 30.48 -10.34 1.44
C HIS C 24 29.09 -10.51 0.84
N ILE C 25 28.61 -9.44 0.22
CA ILE C 25 27.33 -9.47 -0.47
C ILE C 25 27.69 -9.13 -1.91
N GLY C 26 26.97 -9.69 -2.88
CA GLY C 26 27.29 -9.41 -4.28
C GLY C 26 26.14 -9.68 -5.23
N ILE C 27 26.22 -9.09 -6.42
CA ILE C 27 25.20 -9.24 -7.46
C ILE C 27 25.64 -10.33 -8.43
N ASP C 28 24.84 -11.37 -8.58
CA ASP C 28 25.16 -12.49 -9.48
C ASP C 28 24.26 -12.44 -10.71
N ILE C 29 24.85 -12.31 -11.89
CA ILE C 29 24.07 -12.28 -13.13
C ILE C 29 24.43 -13.52 -13.94
N LYS C 30 23.56 -14.53 -13.90
CA LYS C 30 23.78 -15.78 -14.62
C LYS C 30 25.06 -16.54 -14.21
N SER C 31 25.70 -16.13 -13.12
CA SER C 31 26.93 -16.79 -12.70
C SER C 31 27.18 -16.62 -11.21
N VAL C 32 27.93 -17.56 -10.65
CA VAL C 32 28.27 -17.55 -9.23
C VAL C 32 29.40 -16.56 -8.98
N ARG C 33 30.01 -16.10 -10.07
CA ARG C 33 31.09 -15.15 -9.99
C ARG C 33 30.54 -13.73 -10.07
N SER C 34 30.26 -13.16 -8.91
CA SER C 34 29.70 -11.83 -8.74
C SER C 34 30.28 -10.74 -9.63
N LYS C 35 29.39 -9.96 -10.23
CA LYS C 35 29.76 -8.85 -11.11
C LYS C 35 30.33 -7.72 -10.25
N LYS C 36 29.77 -7.55 -9.06
CA LYS C 36 30.24 -6.54 -8.13
C LYS C 36 29.91 -7.00 -6.71
N THR C 37 30.88 -6.88 -5.81
CA THR C 37 30.69 -7.30 -4.43
C THR C 37 31.00 -6.14 -3.49
N ALA C 38 30.69 -6.33 -2.21
CA ALA C 38 30.92 -5.31 -1.21
C ALA C 38 31.22 -6.04 0.09
N LYS C 39 32.23 -5.57 0.82
CA LYS C 39 32.61 -6.21 2.08
C LYS C 39 31.45 -6.18 3.07
N TRP C 40 31.26 -7.28 3.78
CA TRP C 40 30.18 -7.43 4.74
C TRP C 40 30.74 -7.98 6.05
N ASN C 41 30.28 -7.43 7.16
CA ASN C 41 30.73 -7.85 8.49
C ASN C 41 29.73 -8.78 9.15
N MET C 42 29.76 -10.04 8.72
CA MET C 42 28.87 -11.10 9.21
C MET C 42 28.81 -11.14 10.74
N GLN C 43 27.62 -10.94 11.29
CA GLN C 43 27.44 -11.01 12.74
C GLN C 43 26.74 -12.30 13.11
N ASN C 44 27.44 -13.14 13.86
CA ASN C 44 26.93 -14.43 14.30
C ASN C 44 25.90 -14.30 15.41
N GLY C 45 24.72 -14.85 15.20
CA GLY C 45 23.67 -14.79 16.22
C GLY C 45 22.75 -13.59 16.11
N LYS C 46 23.26 -12.48 15.61
CA LYS C 46 22.46 -11.26 15.46
C LYS C 46 21.55 -11.34 14.24
N VAL C 47 20.33 -10.84 14.39
CA VAL C 47 19.35 -10.84 13.30
C VAL C 47 19.63 -9.68 12.35
N GLY C 48 19.92 -10.00 11.11
CA GLY C 48 20.20 -8.97 10.13
C GLY C 48 19.00 -8.76 9.22
N THR C 49 18.97 -7.60 8.58
CA THR C 49 17.88 -7.27 7.66
C THR C 49 18.54 -6.93 6.34
N ALA C 50 17.88 -7.28 5.25
CA ALA C 50 18.44 -7.00 3.94
C ALA C 50 17.36 -6.44 3.03
N HIS C 51 17.68 -5.33 2.38
CA HIS C 51 16.75 -4.66 1.48
C HIS C 51 17.34 -4.52 0.08
N ILE C 52 16.60 -5.00 -0.90
CA ILE C 52 16.99 -4.98 -2.31
C ILE C 52 15.94 -4.17 -3.08
N ILE C 53 16.38 -3.28 -3.95
CA ILE C 53 15.46 -2.45 -4.73
C ILE C 53 15.91 -2.38 -6.17
N TYR C 54 14.98 -2.16 -7.09
CA TYR C 54 15.31 -2.04 -8.52
C TYR C 54 14.19 -1.35 -9.32
N ASN C 55 14.59 -0.59 -10.35
CA ASN C 55 13.64 0.08 -11.23
C ASN C 55 14.26 0.22 -12.62
N SER C 56 13.44 0.07 -13.65
CA SER C 56 13.88 0.15 -15.04
C SER C 56 14.28 1.52 -15.54
N VAL C 57 14.03 2.56 -14.74
CA VAL C 57 14.37 3.93 -15.15
C VAL C 57 15.87 4.12 -15.08
N ASP C 58 16.43 3.93 -13.89
CA ASP C 58 17.87 4.07 -13.71
C ASP C 58 18.59 2.74 -13.98
N LYS C 59 17.79 1.69 -14.20
CA LYS C 59 18.28 0.34 -14.49
C LYS C 59 19.45 -0.07 -13.59
N ARG C 60 19.25 0.02 -12.28
CA ARG C 60 20.32 -0.30 -11.36
C ARG C 60 19.84 -1.10 -10.16
N LEU C 61 20.39 -2.30 -9.97
CA LEU C 61 20.04 -3.16 -8.86
C LEU C 61 20.92 -2.75 -7.68
N SER C 62 20.33 -2.65 -6.49
CA SER C 62 21.08 -2.26 -5.30
C SER C 62 20.68 -3.11 -4.10
N ALA C 63 21.63 -3.35 -3.20
CA ALA C 63 21.36 -4.16 -2.03
C ALA C 63 21.98 -3.54 -0.79
N VAL C 64 21.22 -3.46 0.29
CA VAL C 64 21.70 -2.92 1.55
C VAL C 64 21.48 -3.97 2.63
N VAL C 65 22.51 -4.25 3.42
CA VAL C 65 22.40 -5.23 4.52
C VAL C 65 22.84 -4.53 5.80
N SER C 66 22.01 -4.58 6.82
CA SER C 66 22.34 -3.91 8.09
C SER C 66 21.93 -4.65 9.35
N TYR C 67 22.65 -4.37 10.43
CA TYR C 67 22.41 -4.96 11.75
C TYR C 67 22.20 -3.77 12.68
N PRO C 68 21.24 -3.86 13.62
CA PRO C 68 20.96 -2.78 14.57
C PRO C 68 22.20 -2.25 15.24
N ASN C 69 22.35 -0.93 15.22
CA ASN C 69 23.48 -0.23 15.82
C ASN C 69 24.77 -0.35 15.01
N ALA C 70 24.84 -1.31 14.11
CA ALA C 70 26.03 -1.51 13.30
C ALA C 70 25.85 -0.95 11.88
N ASP C 71 26.97 -0.83 11.18
CA ASP C 71 26.99 -0.30 9.81
C ASP C 71 26.15 -1.09 8.81
N SER C 72 26.27 -0.73 7.54
CA SER C 72 25.52 -1.39 6.49
C SER C 72 26.34 -1.55 5.22
N ALA C 73 26.20 -2.70 4.56
CA ALA C 73 26.92 -2.97 3.33
C ALA C 73 26.00 -2.64 2.16
N THR C 74 26.53 -1.98 1.15
CA THR C 74 25.74 -1.58 -0.01
C THR C 74 26.48 -1.99 -1.28
N VAL C 75 25.73 -2.30 -2.33
CA VAL C 75 26.32 -2.68 -3.62
C VAL C 75 25.31 -2.42 -4.74
N SER C 76 25.79 -1.91 -5.86
CA SER C 76 24.92 -1.61 -6.99
C SER C 76 25.53 -2.04 -8.32
N TYR C 77 24.67 -2.53 -9.22
CA TYR C 77 25.10 -2.98 -10.53
C TYR C 77 24.12 -2.48 -11.57
N ASP C 78 24.66 -1.89 -12.64
CA ASP C 78 23.86 -1.35 -13.72
C ASP C 78 23.43 -2.52 -14.59
N VAL C 79 22.14 -2.85 -14.57
CA VAL C 79 21.65 -3.97 -15.37
C VAL C 79 20.24 -3.77 -15.89
N ASP C 80 20.05 -4.11 -17.16
CA ASP C 80 18.75 -3.99 -17.80
C ASP C 80 18.10 -5.37 -17.79
N LEU C 81 17.53 -5.74 -16.65
CA LEU C 81 16.90 -7.05 -16.49
C LEU C 81 16.03 -7.54 -17.65
N ASP C 82 15.40 -6.63 -18.41
CA ASP C 82 14.56 -7.10 -19.51
C ASP C 82 15.31 -7.89 -20.58
N ASN C 83 16.62 -7.71 -20.61
CA ASN C 83 17.48 -8.41 -21.56
C ASN C 83 17.98 -9.70 -20.94
N VAL C 84 18.00 -9.76 -19.61
CA VAL C 84 18.52 -10.92 -18.91
C VAL C 84 17.49 -11.70 -18.11
N LEU C 85 16.24 -11.70 -18.55
CA LEU C 85 15.19 -12.44 -17.83
C LEU C 85 13.92 -12.65 -18.65
N PRO C 86 13.21 -13.75 -18.40
CA PRO C 86 11.99 -13.99 -19.16
C PRO C 86 11.01 -12.91 -18.73
N GLU C 87 9.94 -12.69 -19.49
CA GLU C 87 8.97 -11.69 -19.12
C GLU C 87 8.34 -12.11 -17.81
N TRP C 88 8.11 -13.42 -17.68
CA TRP C 88 7.54 -13.99 -16.48
C TRP C 88 8.62 -14.76 -15.74
N VAL C 89 8.57 -14.72 -14.41
CA VAL C 89 9.56 -15.39 -13.57
C VAL C 89 8.92 -15.84 -12.27
N ARG C 90 9.77 -16.18 -11.30
CA ARG C 90 9.34 -16.61 -9.98
C ARG C 90 10.44 -16.14 -9.04
N VAL C 91 10.06 -15.51 -7.95
CA VAL C 91 11.02 -14.98 -6.98
C VAL C 91 11.16 -15.93 -5.81
N GLY C 92 12.29 -15.86 -5.11
CA GLY C 92 12.47 -16.73 -3.97
C GLY C 92 13.80 -16.58 -3.26
N LEU C 93 13.97 -17.32 -2.17
CA LEU C 93 15.19 -17.30 -1.36
C LEU C 93 15.87 -18.66 -1.39
N SER C 94 17.20 -18.64 -1.38
CA SER C 94 18.01 -19.85 -1.40
C SER C 94 19.11 -19.76 -0.37
N ALA C 95 19.61 -20.91 0.06
CA ALA C 95 20.70 -20.98 1.04
C ALA C 95 21.29 -22.38 1.04
N SER C 96 22.52 -22.50 1.51
CA SER C 96 23.18 -23.80 1.55
C SER C 96 24.43 -23.87 2.43
N THR C 97 24.67 -25.05 2.99
CA THR C 97 25.84 -25.32 3.83
C THR C 97 26.70 -26.31 3.04
N GLY C 98 27.96 -26.46 3.43
CA GLY C 98 28.85 -27.37 2.73
C GLY C 98 29.66 -28.18 3.72
N LEU C 99 30.97 -27.96 3.75
CA LEU C 99 31.84 -28.67 4.69
C LEU C 99 31.58 -28.01 6.03
N TYR C 100 31.51 -26.68 6.01
CA TYR C 100 31.22 -25.90 7.20
C TYR C 100 29.72 -25.67 7.19
N LYS C 101 29.15 -25.29 8.32
CA LYS C 101 27.71 -25.08 8.40
C LYS C 101 27.29 -23.79 9.11
N GLU C 102 25.98 -23.51 9.07
CA GLU C 102 25.39 -22.34 9.71
C GLU C 102 23.88 -22.46 9.63
N THR C 103 23.16 -21.63 10.38
CA THR C 103 21.70 -21.63 10.35
C THR C 103 21.27 -20.56 9.36
N ASN C 104 20.42 -20.93 8.41
CA ASN C 104 19.93 -19.97 7.41
C ASN C 104 18.42 -19.79 7.63
N THR C 105 18.09 -19.12 8.72
CA THR C 105 16.71 -18.88 9.09
C THR C 105 16.17 -17.56 8.55
N ILE C 106 14.97 -17.62 7.96
CA ILE C 106 14.32 -16.43 7.43
C ILE C 106 13.14 -16.09 8.33
N LEU C 107 13.30 -15.03 9.12
CA LEU C 107 12.28 -14.59 10.04
C LEU C 107 11.10 -13.92 9.34
N SER C 108 11.35 -13.24 8.23
CA SER C 108 10.27 -12.61 7.47
C SER C 108 10.72 -12.32 6.06
N TRP C 109 9.75 -12.08 5.18
CA TRP C 109 10.03 -11.81 3.78
C TRP C 109 8.83 -11.11 3.15
N SER C 110 9.07 -10.11 2.31
CA SER C 110 8.01 -9.37 1.64
C SER C 110 8.53 -8.95 0.27
N PHE C 111 7.63 -8.90 -0.72
CA PHE C 111 8.01 -8.56 -2.09
C PHE C 111 6.98 -7.66 -2.74
N THR C 112 7.44 -6.79 -3.65
CA THR C 112 6.54 -5.90 -4.37
C THR C 112 6.98 -5.70 -5.82
N SER C 113 6.14 -6.15 -6.74
CA SER C 113 6.36 -6.05 -8.18
C SER C 113 5.41 -4.98 -8.70
N LYS C 114 5.88 -4.12 -9.60
CA LYS C 114 5.03 -3.06 -10.13
C LYS C 114 5.26 -2.76 -11.62
N LEU C 115 4.20 -2.89 -12.42
CA LEU C 115 4.27 -2.63 -13.85
C LEU C 115 3.36 -1.49 -14.28
N LYS C 116 3.97 -0.34 -14.54
CA LYS C 116 3.25 0.84 -14.99
C LYS C 116 3.39 0.91 -16.50
N SER C 117 2.31 1.26 -17.18
CA SER C 117 2.31 1.33 -18.64
C SER C 117 2.38 2.74 -19.16
N ASN C 118 2.38 2.85 -20.49
CA ASN C 118 2.41 4.13 -21.18
C ASN C 118 1.02 4.75 -21.11
N SER C 119 0.00 3.89 -21.16
CA SER C 119 -1.38 4.33 -21.10
C SER C 119 -1.64 4.91 -19.72
N THR C 120 -2.01 6.19 -19.69
CA THR C 120 -2.29 6.90 -18.45
C THR C 120 -3.15 6.14 -17.44
N HIS C 121 -2.67 6.08 -16.20
CA HIS C 121 -3.35 5.41 -15.10
C HIS C 121 -3.35 3.88 -15.04
N GLU C 122 -2.98 3.22 -16.13
CA GLU C 122 -2.96 1.76 -16.13
C GLU C 122 -1.70 1.23 -15.43
N THR C 123 -1.90 0.39 -14.42
CA THR C 123 -0.81 -0.19 -13.64
C THR C 123 -1.18 -1.54 -13.05
N ASN C 124 -0.29 -2.53 -13.22
CA ASN C 124 -0.51 -3.87 -12.68
C ASN C 124 0.51 -4.05 -11.55
N ALA C 125 0.15 -4.77 -10.49
CA ALA C 125 1.07 -4.97 -9.38
C ALA C 125 0.81 -6.20 -8.52
N LEU C 126 1.82 -6.58 -7.72
CA LEU C 126 1.73 -7.72 -6.83
C LEU C 126 2.59 -7.43 -5.61
N HIS C 127 2.10 -7.84 -4.44
CA HIS C 127 2.83 -7.65 -3.19
C HIS C 127 2.37 -8.64 -2.14
N PHE C 128 3.33 -9.29 -1.47
CA PHE C 128 3.01 -10.23 -0.40
C PHE C 128 3.98 -9.99 0.75
N MET C 129 3.57 -10.36 1.95
CA MET C 129 4.42 -10.18 3.12
C MET C 129 4.14 -11.21 4.18
N PHE C 130 5.19 -11.92 4.62
CA PHE C 130 5.07 -12.93 5.65
C PHE C 130 5.85 -12.44 6.86
N ASN C 131 5.21 -12.44 8.02
CA ASN C 131 5.91 -12.05 9.23
C ASN C 131 6.11 -13.30 10.08
N GLN C 132 5.45 -14.37 9.67
CA GLN C 132 5.54 -15.66 10.32
C GLN C 132 5.06 -16.70 9.33
N PHE C 133 5.75 -17.85 9.28
CA PHE C 133 5.41 -18.94 8.37
C PHE C 133 4.73 -20.08 9.10
N SER C 134 3.79 -20.73 8.42
CA SER C 134 3.05 -21.85 8.99
C SER C 134 3.70 -23.16 8.56
N LYS C 135 3.44 -24.22 9.32
CA LYS C 135 3.98 -25.55 9.00
C LYS C 135 3.57 -25.89 7.57
N ASP C 136 2.31 -25.61 7.27
CA ASP C 136 1.80 -25.87 5.94
C ASP C 136 1.62 -24.50 5.26
N GLN C 137 2.74 -23.86 4.92
CA GLN C 137 2.71 -22.55 4.26
C GLN C 137 2.32 -22.75 2.80
N LYS C 138 1.06 -23.08 2.59
CA LYS C 138 0.50 -23.37 1.29
C LYS C 138 0.71 -22.42 0.10
N ASP C 139 1.46 -21.33 0.26
CA ASP C 139 1.68 -20.42 -0.87
C ASP C 139 3.16 -20.27 -1.26
N LEU C 140 4.00 -21.11 -0.69
CA LEU C 140 5.43 -21.12 -0.98
C LEU C 140 5.77 -22.50 -1.53
N ILE C 141 6.58 -22.53 -2.58
CA ILE C 141 7.02 -23.79 -3.18
C ILE C 141 8.33 -24.14 -2.47
N LEU C 142 8.26 -25.08 -1.53
CA LEU C 142 9.45 -25.50 -0.79
C LEU C 142 10.26 -26.46 -1.64
N GLN C 143 11.58 -26.28 -1.63
CA GLN C 143 12.47 -27.14 -2.41
C GLN C 143 13.75 -27.45 -1.63
N GLY C 144 14.21 -28.69 -1.73
CA GLY C 144 15.42 -29.09 -1.02
C GLY C 144 15.14 -29.42 0.43
N ASP C 145 15.95 -28.87 1.34
CA ASP C 145 15.80 -29.11 2.76
C ASP C 145 15.01 -28.01 3.46
N ALA C 146 14.44 -27.12 2.65
CA ALA C 146 13.64 -26.00 3.15
C ALA C 146 12.37 -26.50 3.82
N THR C 147 12.12 -26.00 5.03
CA THR C 147 10.94 -26.39 5.80
C THR C 147 10.39 -25.22 6.60
N THR C 148 9.06 -25.07 6.62
CA THR C 148 8.41 -23.99 7.35
C THR C 148 7.69 -24.53 8.56
N GLY C 149 7.42 -23.67 9.55
CA GLY C 149 6.71 -24.11 10.72
C GLY C 149 7.41 -23.89 12.03
N THR C 150 8.60 -24.47 12.18
CA THR C 150 9.38 -24.35 13.41
C THR C 150 9.56 -22.91 13.89
N ASP C 151 8.90 -22.59 14.99
CA ASP C 151 8.95 -21.26 15.59
C ASP C 151 8.44 -20.16 14.67
N GLY C 152 7.61 -20.54 13.70
CA GLY C 152 7.05 -19.59 12.76
C GLY C 152 8.09 -19.05 11.79
N ASN C 153 9.24 -19.71 11.76
CA ASN C 153 10.30 -19.29 10.88
C ASN C 153 10.43 -20.26 9.72
N LEU C 154 11.17 -19.84 8.72
CA LEU C 154 11.43 -20.65 7.54
C LEU C 154 12.90 -21.07 7.64
N GLU C 155 13.14 -22.37 7.64
CA GLU C 155 14.50 -22.89 7.70
C GLU C 155 14.87 -23.33 6.28
N LEU C 156 15.82 -22.63 5.68
CA LEU C 156 16.23 -22.96 4.32
C LEU C 156 17.10 -24.20 4.24
N THR C 157 17.87 -24.47 5.30
CA THR C 157 18.74 -25.66 5.32
C THR C 157 18.53 -26.48 6.60
N ARG C 158 18.80 -27.78 6.51
CA ARG C 158 18.65 -28.72 7.61
C ARG C 158 19.21 -28.29 8.96
N VAL C 159 18.44 -28.54 10.01
CA VAL C 159 18.81 -28.25 11.39
C VAL C 159 18.33 -29.43 12.25
N SER C 160 18.69 -29.43 13.53
CA SER C 160 18.28 -30.50 14.43
C SER C 160 17.56 -29.97 15.66
N SER C 161 17.06 -30.88 16.48
CA SER C 161 16.35 -30.53 17.70
C SER C 161 17.28 -29.78 18.67
N ASN C 162 18.57 -30.15 18.64
CA ASN C 162 19.57 -29.50 19.50
C ASN C 162 19.68 -28.05 19.04
N GLY C 163 19.16 -27.78 17.85
CA GLY C 163 19.21 -26.44 17.27
C GLY C 163 20.40 -26.37 16.33
N SER C 164 21.15 -27.47 16.30
CA SER C 164 22.35 -27.60 15.47
C SER C 164 22.07 -27.62 13.97
N PRO C 165 22.90 -26.89 13.20
CA PRO C 165 22.76 -26.82 11.74
C PRO C 165 23.57 -27.93 11.03
N GLN C 166 22.91 -28.68 10.15
CA GLN C 166 23.58 -29.75 9.42
C GLN C 166 24.34 -29.24 8.20
N GLY C 167 25.50 -29.85 7.94
CA GLY C 167 26.30 -29.47 6.80
C GLY C 167 25.73 -30.05 5.53
N SER C 168 26.39 -29.77 4.40
CA SER C 168 25.99 -30.27 3.08
C SER C 168 24.48 -30.24 2.82
N SER C 169 23.82 -29.20 3.32
CA SER C 169 22.40 -29.01 3.15
C SER C 169 22.14 -27.94 2.10
N VAL C 170 20.95 -27.93 1.54
CA VAL C 170 20.59 -26.96 0.51
C VAL C 170 19.07 -26.88 0.42
N GLY C 171 18.54 -25.66 0.41
CA GLY C 171 17.10 -25.48 0.33
C GLY C 171 16.70 -24.19 -0.32
N ARG C 172 15.49 -24.16 -0.87
CA ARG C 172 14.93 -23.01 -1.55
C ARG C 172 13.43 -22.90 -1.25
N ALA C 173 12.95 -21.66 -1.19
CA ALA C 173 11.54 -21.38 -0.94
C ALA C 173 11.19 -20.22 -1.85
N LEU C 174 10.23 -20.44 -2.74
CA LEU C 174 9.81 -19.40 -3.67
C LEU C 174 8.30 -19.28 -3.78
N PHE C 175 7.82 -18.04 -3.77
CA PHE C 175 6.39 -17.75 -3.86
C PHE C 175 5.71 -18.48 -5.02
N TYR C 176 4.55 -19.04 -4.73
CA TYR C 176 3.76 -19.81 -5.69
C TYR C 176 3.41 -19.11 -7.01
N ALA C 177 2.77 -17.94 -6.91
CA ALA C 177 2.34 -17.19 -8.08
C ALA C 177 3.47 -16.62 -8.93
N PRO C 178 3.41 -16.83 -10.25
CA PRO C 178 4.42 -16.35 -11.21
C PRO C 178 4.38 -14.83 -11.24
N VAL C 179 5.55 -14.20 -11.19
CA VAL C 179 5.66 -12.75 -11.21
C VAL C 179 5.90 -12.29 -12.64
N HIS C 180 5.21 -11.22 -13.05
CA HIS C 180 5.36 -10.63 -14.38
C HIS C 180 6.34 -9.48 -14.17
N ILE C 181 7.63 -9.79 -14.28
CA ILE C 181 8.70 -8.82 -14.04
C ILE C 181 8.84 -7.64 -15.00
N TRP C 182 8.40 -7.78 -16.26
CA TRP C 182 8.48 -6.68 -17.21
C TRP C 182 7.62 -6.89 -18.44
N GLU C 183 7.70 -5.96 -19.38
CA GLU C 183 6.95 -6.03 -20.64
C GLU C 183 7.29 -4.80 -21.46
N SER C 184 6.95 -4.83 -22.74
CA SER C 184 7.25 -3.72 -23.64
C SER C 184 6.44 -2.44 -23.42
N SER C 185 5.13 -2.58 -23.25
CA SER C 185 4.28 -1.41 -23.04
C SER C 185 4.52 -0.72 -21.70
N ALA C 186 5.27 -1.37 -20.83
CA ALA C 186 5.57 -0.80 -19.51
C ALA C 186 6.50 0.38 -19.68
N VAL C 187 6.14 1.50 -19.07
CA VAL C 187 6.97 2.70 -19.15
C VAL C 187 7.94 2.67 -17.99
N VAL C 188 7.53 1.99 -16.92
CA VAL C 188 8.33 1.84 -15.72
C VAL C 188 8.04 0.51 -15.04
N ALA C 189 9.09 -0.30 -14.84
CA ALA C 189 8.96 -1.57 -14.17
C ALA C 189 9.95 -1.48 -13.01
N SER C 190 9.56 -2.00 -11.85
CA SER C 190 10.42 -1.96 -10.68
C SER C 190 9.90 -2.92 -9.63
N PHE C 191 10.81 -3.61 -8.94
CA PHE C 191 10.44 -4.54 -7.89
C PHE C 191 11.21 -4.16 -6.65
N GLU C 192 10.77 -4.64 -5.49
CA GLU C 192 11.43 -4.34 -4.25
C GLU C 192 11.21 -5.52 -3.31
N ALA C 193 12.27 -5.92 -2.59
CA ALA C 193 12.17 -7.05 -1.67
C ALA C 193 12.93 -6.84 -0.37
N THR C 194 12.36 -7.35 0.71
CA THR C 194 12.96 -7.21 2.03
C THR C 194 12.75 -8.47 2.86
N PHE C 195 13.81 -8.90 3.53
CA PHE C 195 13.77 -10.07 4.42
C PHE C 195 14.75 -9.93 5.58
N THR C 196 14.43 -10.60 6.68
CA THR C 196 15.27 -10.60 7.86
C THR C 196 15.82 -12.00 8.05
N PHE C 197 17.12 -12.09 8.26
CA PHE C 197 17.76 -13.39 8.41
C PHE C 197 18.42 -13.54 9.77
N LEU C 198 18.60 -14.79 10.17
CA LEU C 198 19.26 -15.13 11.42
C LEU C 198 20.30 -16.17 11.04
N ILE C 199 21.57 -15.85 11.27
CA ILE C 199 22.67 -16.75 10.93
C ILE C 199 23.64 -16.90 12.08
N LYS C 200 23.88 -18.15 12.47
CA LYS C 200 24.83 -18.44 13.53
C LYS C 200 25.39 -19.83 13.31
N SER C 201 26.67 -19.99 13.64
CA SER C 201 27.35 -21.25 13.46
C SER C 201 28.13 -21.63 14.71
N PRO C 202 28.26 -22.94 14.96
CA PRO C 202 28.97 -23.46 16.13
C PRO C 202 30.47 -23.51 15.84
N ASP C 203 30.83 -23.81 14.59
CA ASP C 203 32.21 -23.92 14.18
C ASP C 203 32.90 -22.58 13.96
N SER C 204 34.15 -22.67 13.52
CA SER C 204 35.01 -21.51 13.26
C SER C 204 34.47 -20.55 12.19
N HIS C 205 34.03 -21.13 11.07
CA HIS C 205 33.53 -20.32 9.97
C HIS C 205 32.18 -20.78 9.46
N PRO C 206 31.18 -19.89 9.48
CA PRO C 206 29.88 -20.29 8.98
C PRO C 206 30.00 -20.48 7.46
N ALA C 207 28.95 -21.01 6.85
CA ALA C 207 28.94 -21.22 5.40
C ALA C 207 27.59 -21.84 5.07
N ASP C 208 27.06 -21.54 3.89
CA ASP C 208 27.78 -20.83 2.86
C ASP C 208 27.17 -19.49 2.53
N GLY C 209 25.89 -19.32 2.84
CA GLY C 209 25.23 -18.06 2.57
C GLY C 209 23.79 -18.15 2.12
N ILE C 210 23.11 -17.02 2.25
CA ILE C 210 21.72 -16.91 1.86
C ILE C 210 21.73 -16.06 0.61
N ALA C 211 20.72 -16.20 -0.23
CA ALA C 211 20.65 -15.40 -1.43
C ALA C 211 19.20 -15.23 -1.89
N PHE C 212 18.94 -14.08 -2.52
CA PHE C 212 17.61 -13.79 -3.05
C PHE C 212 17.82 -13.93 -4.54
N PHE C 213 16.98 -14.71 -5.20
CA PHE C 213 17.13 -14.92 -6.64
C PHE C 213 15.82 -14.76 -7.40
N ILE C 214 15.96 -14.49 -8.70
CA ILE C 214 14.83 -14.35 -9.60
C ILE C 214 15.17 -15.39 -10.66
N SER C 215 14.17 -16.13 -11.13
CA SER C 215 14.41 -17.16 -12.13
C SER C 215 13.13 -17.54 -12.83
N ASN C 216 13.26 -18.34 -13.88
CA ASN C 216 12.11 -18.81 -14.65
C ASN C 216 11.24 -19.74 -13.81
N ILE C 217 9.93 -19.69 -14.05
CA ILE C 217 8.94 -20.47 -13.33
C ILE C 217 9.30 -21.91 -12.92
N ASP C 218 9.75 -22.72 -13.87
CA ASP C 218 10.09 -24.13 -13.58
C ASP C 218 11.46 -24.45 -12.95
N SER C 219 12.18 -23.43 -12.47
CA SER C 219 13.49 -23.62 -11.85
C SER C 219 13.56 -24.63 -10.71
N SER C 220 14.41 -25.64 -10.87
CA SER C 220 14.62 -26.66 -9.85
C SER C 220 16.09 -26.71 -9.49
N ILE C 221 16.40 -26.83 -8.19
CA ILE C 221 17.79 -26.87 -7.70
C ILE C 221 18.71 -27.69 -8.58
N PRO C 222 19.80 -27.08 -9.07
CA PRO C 222 20.76 -27.77 -9.94
C PRO C 222 21.51 -28.86 -9.20
N SER C 223 21.85 -29.91 -9.93
CA SER C 223 22.56 -31.07 -9.41
C SER C 223 23.86 -30.70 -8.67
N GLY C 224 23.98 -31.20 -7.45
CA GLY C 224 25.16 -30.94 -6.64
C GLY C 224 25.51 -29.47 -6.52
N SER C 225 24.57 -28.69 -6.01
CA SER C 225 24.78 -27.26 -5.85
C SER C 225 24.90 -26.82 -4.39
N THR C 226 25.42 -27.69 -3.54
CA THR C 226 25.60 -27.33 -2.14
C THR C 226 26.92 -26.57 -2.04
N GLY C 227 27.28 -26.17 -0.82
CA GLY C 227 28.53 -25.46 -0.63
C GLY C 227 28.65 -24.11 -1.33
N ARG C 228 29.75 -23.95 -2.06
CA ARG C 228 30.05 -22.71 -2.78
C ARG C 228 29.02 -22.22 -3.78
N LEU C 229 28.27 -23.14 -4.39
CA LEU C 229 27.28 -22.75 -5.39
C LEU C 229 25.95 -22.22 -4.84
N LEU C 230 25.90 -22.00 -3.52
CA LEU C 230 24.73 -21.46 -2.84
C LEU C 230 23.38 -22.06 -3.23
N GLY C 231 23.40 -23.23 -3.84
CA GLY C 231 22.16 -23.88 -4.25
C GLY C 231 21.50 -23.20 -5.42
N LEU C 232 22.27 -22.38 -6.15
CA LEU C 232 21.73 -21.66 -7.29
C LEU C 232 22.25 -22.11 -8.65
N PHE C 233 23.57 -22.15 -8.78
CA PHE C 233 24.22 -22.52 -10.03
C PHE C 233 24.78 -23.94 -10.03
N PRO C 234 24.82 -24.58 -11.22
CA PRO C 234 25.30 -25.95 -11.44
C PRO C 234 26.83 -26.10 -11.52
N ASP C 235 27.52 -25.01 -11.77
CA ASP C 235 28.98 -25.02 -11.87
C ASP C 235 29.54 -23.68 -11.44
N ALA C 236 30.82 -23.64 -11.06
CA ALA C 236 31.44 -22.40 -10.62
C ALA C 236 32.09 -21.60 -11.74
N ASN C 237 31.45 -21.59 -12.91
CA ASN C 237 31.96 -20.83 -14.05
C ASN C 237 31.32 -19.44 -14.03
N ALA D 1 -19.92 -31.20 -2.51
CA ALA D 1 -18.94 -30.73 -3.54
C ALA D 1 -18.10 -29.61 -2.93
N ASP D 2 -17.61 -28.71 -3.77
CA ASP D 2 -16.78 -27.59 -3.33
C ASP D 2 -17.53 -26.68 -2.37
N THR D 3 -16.79 -25.94 -1.53
CA THR D 3 -17.42 -25.02 -0.59
C THR D 3 -17.37 -23.62 -1.20
N ILE D 4 -18.54 -23.07 -1.50
CA ILE D 4 -18.60 -21.74 -2.13
C ILE D 4 -19.24 -20.64 -1.28
N VAL D 5 -18.63 -19.47 -1.33
CA VAL D 5 -19.12 -18.27 -0.65
C VAL D 5 -18.94 -17.23 -1.74
N ALA D 6 -20.06 -16.75 -2.29
CA ALA D 6 -19.98 -15.80 -3.38
C ALA D 6 -20.92 -14.62 -3.31
N VAL D 7 -20.57 -13.57 -4.04
CA VAL D 7 -21.37 -12.36 -4.15
C VAL D 7 -21.80 -12.40 -5.61
N GLU D 8 -23.11 -12.49 -5.86
CA GLU D 8 -23.62 -12.56 -7.22
C GLU D 8 -24.28 -11.29 -7.73
N LEU D 9 -24.00 -10.96 -8.99
CA LEU D 9 -24.60 -9.81 -9.66
C LEU D 9 -25.53 -10.51 -10.66
N ASP D 10 -26.67 -10.95 -10.15
CA ASP D 10 -27.66 -11.69 -10.91
C ASP D 10 -28.52 -10.85 -11.86
N THR D 11 -28.25 -10.99 -13.15
CA THR D 11 -29.00 -10.26 -14.16
C THR D 11 -30.35 -10.87 -14.53
N TYR D 12 -30.48 -12.20 -14.44
CA TYR D 12 -31.73 -12.87 -14.81
C TYR D 12 -32.53 -13.45 -13.64
N PRO D 13 -33.81 -13.06 -13.55
CA PRO D 13 -34.77 -13.47 -12.51
C PRO D 13 -35.29 -14.90 -12.63
N ASN D 14 -34.58 -15.86 -12.07
CA ASN D 14 -35.04 -17.23 -12.11
C ASN D 14 -35.95 -17.47 -10.91
N THR D 15 -37.19 -16.99 -11.00
CA THR D 15 -38.18 -17.14 -9.92
C THR D 15 -38.26 -18.60 -9.48
N ASP D 16 -38.14 -19.50 -10.46
CA ASP D 16 -38.17 -20.95 -10.24
C ASP D 16 -37.23 -21.38 -9.09
N ILE D 17 -36.17 -20.61 -8.87
CA ILE D 17 -35.21 -20.94 -7.82
C ILE D 17 -34.94 -19.81 -6.82
N GLY D 18 -35.96 -19.01 -6.53
CA GLY D 18 -35.82 -17.94 -5.56
C GLY D 18 -35.41 -16.57 -6.04
N ASP D 19 -34.98 -16.44 -7.29
CA ASP D 19 -34.57 -15.13 -7.78
C ASP D 19 -35.76 -14.18 -7.76
N PRO D 20 -35.54 -12.94 -7.32
CA PRO D 20 -36.61 -11.94 -7.28
C PRO D 20 -37.11 -11.66 -8.71
N SER D 21 -38.13 -10.83 -8.83
CA SER D 21 -38.69 -10.49 -10.14
C SER D 21 -37.80 -9.49 -10.88
N TYR D 22 -36.70 -9.09 -10.26
CA TYR D 22 -35.81 -8.10 -10.85
C TYR D 22 -34.34 -8.50 -10.72
N PRO D 23 -33.46 -7.87 -11.52
CA PRO D 23 -32.02 -8.13 -11.48
C PRO D 23 -31.60 -7.76 -10.05
N HIS D 24 -30.55 -8.40 -9.54
CA HIS D 24 -30.15 -8.13 -8.16
C HIS D 24 -28.72 -8.47 -7.81
N ILE D 25 -28.33 -8.10 -6.60
CA ILE D 25 -27.03 -8.42 -6.05
C ILE D 25 -27.41 -9.32 -4.88
N GLY D 26 -26.79 -10.49 -4.80
CA GLY D 26 -27.12 -11.39 -3.72
C GLY D 26 -25.88 -11.96 -3.07
N ILE D 27 -26.02 -12.40 -1.83
CA ILE D 27 -24.93 -13.00 -1.09
C ILE D 27 -25.22 -14.49 -1.00
N ASP D 28 -24.38 -15.29 -1.65
CA ASP D 28 -24.53 -16.75 -1.69
C ASP D 28 -23.61 -17.48 -0.74
N ILE D 29 -24.17 -18.31 0.13
CA ILE D 29 -23.36 -19.10 1.06
C ILE D 29 -23.73 -20.58 0.83
N LYS D 30 -22.78 -21.33 0.30
CA LYS D 30 -22.95 -22.75 0.00
C LYS D 30 -24.27 -23.04 -0.70
N SER D 31 -24.72 -22.09 -1.53
CA SER D 31 -25.96 -22.21 -2.29
C SER D 31 -26.16 -21.06 -3.26
N VAL D 32 -26.95 -21.31 -4.30
CA VAL D 32 -27.23 -20.29 -5.31
C VAL D 32 -28.46 -19.49 -4.89
N ARG D 33 -29.29 -20.06 -4.03
CA ARG D 33 -30.47 -19.35 -3.52
C ARG D 33 -29.88 -18.38 -2.50
N SER D 34 -29.80 -17.11 -2.86
CA SER D 34 -29.22 -16.10 -1.99
C SER D 34 -29.79 -15.99 -0.59
N LYS D 35 -28.91 -15.68 0.37
CA LYS D 35 -29.32 -15.51 1.77
C LYS D 35 -29.96 -14.14 1.87
N LYS D 36 -29.47 -13.20 1.08
CA LYS D 36 -29.97 -11.83 1.03
C LYS D 36 -29.70 -11.26 -0.34
N THR D 37 -30.53 -10.31 -0.75
CA THR D 37 -30.39 -9.67 -2.06
C THR D 37 -30.84 -8.20 -2.00
N ALA D 38 -30.76 -7.53 -3.14
CA ALA D 38 -31.16 -6.13 -3.25
C ALA D 38 -31.39 -5.84 -4.73
N LYS D 39 -32.33 -4.95 -5.04
CA LYS D 39 -32.63 -4.59 -6.44
C LYS D 39 -31.40 -4.02 -7.10
N TRP D 40 -31.26 -4.29 -8.40
CA TRP D 40 -30.11 -3.79 -9.14
C TRP D 40 -30.55 -3.19 -10.47
N ASN D 41 -30.35 -1.88 -10.61
CA ASN D 41 -30.71 -1.16 -11.84
C ASN D 41 -29.64 -1.44 -12.89
N MET D 42 -29.58 -2.69 -13.34
CA MET D 42 -28.58 -3.10 -14.33
C MET D 42 -28.63 -2.14 -15.51
N GLN D 43 -27.50 -1.48 -15.78
CA GLN D 43 -27.40 -0.53 -16.88
C GLN D 43 -26.74 -1.09 -18.12
N ASN D 44 -27.52 -1.83 -18.90
CA ASN D 44 -27.07 -2.47 -20.13
C ASN D 44 -26.11 -1.64 -20.98
N GLY D 45 -24.88 -2.11 -21.10
CA GLY D 45 -23.89 -1.44 -21.92
C GLY D 45 -22.99 -0.39 -21.29
N LYS D 46 -22.96 -0.30 -19.96
CA LYS D 46 -22.10 0.70 -19.32
C LYS D 46 -21.20 0.12 -18.24
N VAL D 47 -19.95 0.59 -18.20
CA VAL D 47 -18.95 0.15 -17.24
C VAL D 47 -19.43 0.32 -15.80
N GLY D 48 -19.33 -0.76 -15.01
CA GLY D 48 -19.74 -0.70 -13.62
C GLY D 48 -18.66 -1.21 -12.68
N THR D 49 -18.79 -0.91 -11.39
CA THR D 49 -17.81 -1.34 -10.40
C THR D 49 -18.47 -1.90 -9.15
N ALA D 50 -18.06 -3.12 -8.78
CA ALA D 50 -18.58 -3.77 -7.58
C ALA D 50 -17.47 -3.72 -6.57
N HIS D 51 -17.84 -3.66 -5.29
CA HIS D 51 -16.86 -3.60 -4.22
C HIS D 51 -17.27 -4.46 -3.04
N ILE D 52 -16.54 -5.55 -2.82
CA ILE D 52 -16.79 -6.48 -1.73
C ILE D 52 -15.88 -6.12 -0.58
N ILE D 53 -16.34 -6.34 0.65
CA ILE D 53 -15.57 -6.05 1.86
C ILE D 53 -15.98 -6.99 3.00
N TYR D 54 -15.01 -7.41 3.82
CA TYR D 54 -15.25 -8.30 4.96
C TYR D 54 -14.10 -8.21 5.95
N ASN D 55 -14.42 -8.32 7.25
CA ASN D 55 -13.41 -8.28 8.32
C ASN D 55 -13.92 -9.12 9.50
N SER D 56 -13.01 -9.69 10.27
CA SER D 56 -13.38 -10.55 11.38
C SER D 56 -13.87 -9.85 12.64
N VAL D 57 -13.58 -8.56 12.78
CA VAL D 57 -14.00 -7.80 13.96
C VAL D 57 -15.51 -7.84 14.08
N ASP D 58 -16.20 -7.27 13.10
CA ASP D 58 -17.66 -7.26 13.12
C ASP D 58 -18.25 -8.29 12.16
N LYS D 59 -17.44 -9.29 11.81
CA LYS D 59 -17.84 -10.39 10.91
C LYS D 59 -19.00 -10.12 9.97
N ARG D 60 -18.83 -9.20 9.03
CA ARG D 60 -19.90 -8.86 8.09
C ARG D 60 -19.38 -8.72 6.66
N LEU D 61 -20.09 -9.34 5.71
CA LEU D 61 -19.74 -9.30 4.30
C LEU D 61 -20.66 -8.32 3.56
N SER D 62 -20.08 -7.28 2.96
CA SER D 62 -20.86 -6.27 2.26
C SER D 62 -20.41 -6.06 0.83
N ALA D 63 -21.33 -5.61 -0.02
CA ALA D 63 -21.01 -5.36 -1.41
C ALA D 63 -21.75 -4.11 -1.88
N VAL D 64 -21.13 -3.37 -2.79
CA VAL D 64 -21.72 -2.16 -3.35
C VAL D 64 -21.48 -2.16 -4.84
N VAL D 65 -22.54 -2.03 -5.63
CA VAL D 65 -22.37 -1.99 -7.08
C VAL D 65 -22.78 -0.59 -7.50
N SER D 66 -22.04 -0.01 -8.44
CA SER D 66 -22.37 1.34 -8.89
C SER D 66 -21.88 1.72 -10.28
N TYR D 67 -22.72 2.47 -10.99
CA TYR D 67 -22.39 2.99 -12.32
C TYR D 67 -22.15 4.48 -12.09
N PRO D 68 -21.30 5.12 -12.91
CA PRO D 68 -21.01 6.54 -12.78
C PRO D 68 -22.25 7.41 -12.73
N ASN D 69 -22.41 8.11 -11.62
CA ASN D 69 -23.53 9.01 -11.39
C ASN D 69 -24.88 8.34 -11.63
N ALA D 70 -25.26 7.45 -10.72
CA ALA D 70 -26.54 6.73 -10.82
C ALA D 70 -26.80 5.94 -9.55
N ASP D 71 -27.80 5.08 -9.59
CA ASP D 71 -28.19 4.25 -8.45
C ASP D 71 -27.01 3.43 -7.93
N SER D 72 -26.91 3.34 -6.60
CA SER D 72 -25.85 2.59 -5.95
C SER D 72 -26.44 1.48 -5.09
N ALA D 73 -26.46 0.26 -5.61
CA ALA D 73 -27.02 -0.89 -4.88
C ALA D 73 -26.10 -1.32 -3.73
N THR D 74 -26.68 -1.95 -2.71
CA THR D 74 -25.93 -2.40 -1.54
C THR D 74 -26.60 -3.62 -0.93
N VAL D 75 -25.81 -4.48 -0.29
CA VAL D 75 -26.33 -5.68 0.35
C VAL D 75 -25.29 -6.26 1.31
N SER D 76 -25.74 -6.61 2.52
CA SER D 76 -24.88 -7.19 3.54
C SER D 76 -25.52 -8.35 4.26
N TYR D 77 -24.69 -9.11 4.96
CA TYR D 77 -25.13 -10.29 5.68
C TYR D 77 -24.09 -10.58 6.77
N ASP D 78 -24.53 -11.14 7.88
CA ASP D 78 -23.62 -11.47 8.96
C ASP D 78 -23.23 -12.93 8.76
N VAL D 79 -21.93 -13.19 8.69
CA VAL D 79 -21.45 -14.55 8.49
C VAL D 79 -19.99 -14.71 8.93
N ASP D 80 -19.76 -15.65 9.84
CA ASP D 80 -18.42 -15.92 10.35
C ASP D 80 -17.73 -16.87 9.39
N LEU D 81 -17.12 -16.30 8.35
CA LEU D 81 -16.42 -17.07 7.33
C LEU D 81 -15.49 -18.19 7.82
N ASP D 82 -14.83 -17.99 8.95
CA ASP D 82 -13.93 -19.04 9.45
C ASP D 82 -14.65 -20.34 9.77
N ASN D 83 -15.96 -20.26 9.98
CA ASN D 83 -16.76 -21.44 10.29
C ASN D 83 -17.43 -21.98 9.03
N VAL D 84 -17.03 -21.44 7.87
CA VAL D 84 -17.63 -21.87 6.61
C VAL D 84 -16.60 -22.19 5.54
N LEU D 85 -15.52 -21.41 5.51
CA LEU D 85 -14.48 -21.60 4.51
C LEU D 85 -13.24 -22.29 5.04
N PRO D 86 -12.50 -22.98 4.15
CA PRO D 86 -11.29 -23.69 4.57
C PRO D 86 -10.26 -22.61 4.90
N GLU D 87 -9.37 -22.89 5.83
CA GLU D 87 -8.34 -21.94 6.25
C GLU D 87 -7.56 -21.40 5.05
N TRP D 88 -7.53 -22.18 3.97
CA TRP D 88 -6.86 -21.80 2.74
C TRP D 88 -7.89 -21.91 1.63
N VAL D 89 -7.88 -20.96 0.70
CA VAL D 89 -8.84 -20.94 -0.40
C VAL D 89 -8.22 -20.32 -1.63
N ARG D 90 -9.05 -20.07 -2.64
CA ARG D 90 -8.61 -19.45 -3.87
C ARG D 90 -9.73 -18.46 -4.20
N VAL D 91 -9.39 -17.34 -4.82
CA VAL D 91 -10.41 -16.36 -5.15
C VAL D 91 -10.47 -16.15 -6.65
N GLY D 92 -11.66 -15.84 -7.15
CA GLY D 92 -11.82 -15.63 -8.57
C GLY D 92 -13.21 -15.20 -8.98
N LEU D 93 -13.33 -14.79 -10.24
CA LEU D 93 -14.59 -14.36 -10.81
C LEU D 93 -15.26 -15.51 -11.55
N SER D 94 -16.51 -15.30 -11.96
CA SER D 94 -17.25 -16.32 -12.68
C SER D 94 -18.47 -15.65 -13.30
N ALA D 95 -18.80 -16.05 -14.53
CA ALA D 95 -19.95 -15.49 -15.24
C ALA D 95 -20.56 -16.54 -16.18
N SER D 96 -21.78 -16.33 -16.65
CA SER D 96 -22.40 -17.30 -17.54
C SER D 96 -23.63 -16.83 -18.29
N THR D 97 -23.96 -17.56 -19.35
CA THR D 97 -25.11 -17.29 -20.17
C THR D 97 -25.82 -18.63 -20.38
N GLY D 98 -27.06 -18.59 -20.83
CA GLY D 98 -27.81 -19.81 -21.06
C GLY D 98 -28.62 -19.60 -22.31
N LEU D 99 -29.94 -19.61 -22.17
CA LEU D 99 -30.82 -19.40 -23.30
C LEU D 99 -30.66 -17.95 -23.74
N TYR D 100 -30.43 -17.08 -22.76
CA TYR D 100 -30.22 -15.66 -23.01
C TYR D 100 -28.73 -15.39 -22.86
N LYS D 101 -28.25 -14.34 -23.53
CA LYS D 101 -26.82 -14.01 -23.52
C LYS D 101 -26.51 -12.58 -23.07
N GLU D 102 -25.22 -12.29 -22.94
CA GLU D 102 -24.71 -10.98 -22.54
C GLU D 102 -23.19 -11.07 -22.56
N THR D 103 -22.50 -9.94 -22.67
CA THR D 103 -21.05 -9.94 -22.67
C THR D 103 -20.62 -9.86 -21.20
N ASN D 104 -19.74 -10.76 -20.79
CA ASN D 104 -19.27 -10.74 -19.41
C ASN D 104 -17.81 -10.32 -19.34
N THR D 105 -17.60 -9.04 -19.64
CA THR D 105 -16.28 -8.44 -19.66
C THR D 105 -15.88 -7.89 -18.29
N ILE D 106 -14.66 -8.21 -17.87
CA ILE D 106 -14.10 -7.69 -16.64
C ILE D 106 -12.97 -6.84 -17.18
N LEU D 107 -12.93 -5.56 -16.82
CA LEU D 107 -11.90 -4.66 -17.31
C LEU D 107 -10.74 -4.50 -16.36
N SER D 108 -10.95 -4.87 -15.09
CA SER D 108 -9.90 -4.79 -14.09
C SER D 108 -10.37 -5.51 -12.84
N TRP D 109 -9.41 -5.94 -12.01
CA TRP D 109 -9.73 -6.64 -10.78
C TRP D 109 -8.63 -6.43 -9.77
N SER D 110 -9.02 -6.32 -8.49
CA SER D 110 -8.08 -6.11 -7.41
C SER D 110 -8.59 -6.82 -6.17
N PHE D 111 -7.67 -7.37 -5.39
CA PHE D 111 -7.99 -8.08 -4.16
C PHE D 111 -6.88 -7.76 -3.18
N THR D 112 -7.21 -7.82 -1.89
CA THR D 112 -6.26 -7.57 -0.83
C THR D 112 -6.80 -8.25 0.42
N SER D 113 -5.94 -8.94 1.14
CA SER D 113 -6.33 -9.61 2.37
C SER D 113 -5.19 -9.46 3.35
N LYS D 114 -5.54 -9.31 4.63
CA LYS D 114 -4.54 -9.14 5.66
C LYS D 114 -4.89 -9.99 6.86
N LEU D 115 -3.88 -10.38 7.63
CA LEU D 115 -4.08 -11.19 8.82
C LEU D 115 -3.20 -10.62 9.91
N LYS D 116 -3.80 -9.88 10.84
CA LYS D 116 -3.05 -9.32 11.95
C LYS D 116 -3.19 -10.37 13.05
N SER D 117 -2.08 -10.99 13.43
CA SER D 117 -2.10 -12.00 14.47
C SER D 117 -1.91 -11.38 15.83
N ASN D 118 -2.03 -12.20 16.87
CA ASN D 118 -1.87 -11.75 18.26
C ASN D 118 -0.48 -11.14 18.48
N SER D 119 0.44 -11.51 17.59
CA SER D 119 1.82 -11.02 17.62
C SER D 119 1.89 -9.53 17.29
N THR D 120 2.32 -8.73 18.26
CA THR D 120 2.45 -7.28 18.10
C THR D 120 3.32 -6.89 16.90
N HIS D 121 2.77 -6.02 16.07
CA HIS D 121 3.45 -5.51 14.88
C HIS D 121 3.70 -6.51 13.74
N GLU D 122 3.23 -7.73 13.87
CA GLU D 122 3.45 -8.72 12.82
C GLU D 122 2.20 -9.03 12.01
N THR D 123 2.26 -8.78 10.71
CA THR D 123 1.14 -8.99 9.79
C THR D 123 1.51 -9.90 8.62
N ASN D 124 0.49 -10.43 7.96
CA ASN D 124 0.65 -11.27 6.78
C ASN D 124 -0.35 -10.68 5.80
N ALA D 125 0.01 -10.57 4.52
CA ALA D 125 -0.92 -9.99 3.56
C ALA D 125 -0.61 -10.27 2.10
N LEU D 126 -1.67 -10.37 1.29
CA LEU D 126 -1.56 -10.62 -0.15
C LEU D 126 -2.38 -9.57 -0.90
N HIS D 127 -1.78 -8.98 -1.92
CA HIS D 127 -2.47 -7.99 -2.72
C HIS D 127 -2.03 -8.02 -4.17
N PHE D 128 -3.01 -8.09 -5.08
CA PHE D 128 -2.73 -8.08 -6.50
C PHE D 128 -3.75 -7.19 -7.18
N MET D 129 -3.34 -6.58 -8.27
CA MET D 129 -4.19 -5.68 -9.04
C MET D 129 -3.91 -5.82 -10.52
N PHE D 130 -4.96 -5.99 -11.31
CA PHE D 130 -4.86 -6.13 -12.75
C PHE D 130 -5.67 -5.01 -13.38
N ASN D 131 -5.01 -4.15 -14.14
CA ASN D 131 -5.68 -3.06 -14.85
C ASN D 131 -5.68 -3.39 -16.34
N GLN D 132 -4.90 -4.41 -16.68
CA GLN D 132 -4.81 -4.88 -18.05
C GLN D 132 -4.51 -6.36 -18.03
N PHE D 133 -5.31 -7.13 -18.74
CA PHE D 133 -5.09 -8.56 -18.80
C PHE D 133 -4.32 -8.91 -20.05
N SER D 134 -3.11 -9.43 -19.85
CA SER D 134 -2.21 -9.82 -20.93
C SER D 134 -2.70 -11.03 -21.70
N LYS D 135 -2.30 -11.12 -22.97
CA LYS D 135 -2.69 -12.23 -23.83
C LYS D 135 -2.33 -13.57 -23.17
N ASP D 136 -1.19 -13.60 -22.48
CA ASP D 136 -0.73 -14.80 -21.81
C ASP D 136 -0.57 -14.45 -20.32
N GLN D 137 -1.71 -14.37 -19.63
CA GLN D 137 -1.73 -14.02 -18.21
C GLN D 137 -1.38 -15.22 -17.32
N LYS D 138 -0.08 -15.46 -17.14
CA LYS D 138 0.41 -16.58 -16.35
C LYS D 138 0.06 -16.72 -14.87
N ASP D 139 -0.65 -15.74 -14.30
CA ASP D 139 -0.99 -15.83 -12.88
C ASP D 139 -2.49 -15.94 -12.61
N LEU D 140 -3.22 -16.46 -13.60
CA LEU D 140 -4.66 -16.67 -13.49
C LEU D 140 -4.98 -18.06 -14.01
N ILE D 141 -5.94 -18.73 -13.39
CA ILE D 141 -6.34 -20.06 -13.82
C ILE D 141 -7.63 -19.95 -14.61
N LEU D 142 -7.53 -19.67 -15.90
CA LEU D 142 -8.72 -19.54 -16.71
C LEU D 142 -9.43 -20.88 -16.86
N GLN D 143 -10.72 -20.90 -16.54
CA GLN D 143 -11.50 -22.13 -16.64
C GLN D 143 -12.69 -21.85 -17.56
N GLY D 144 -13.24 -22.90 -18.16
CA GLY D 144 -14.38 -22.74 -19.05
C GLY D 144 -14.08 -21.99 -20.32
N ASP D 145 -14.76 -20.85 -20.53
CA ASP D 145 -14.58 -20.05 -21.72
C ASP D 145 -13.73 -18.82 -21.48
N ALA D 146 -13.24 -18.68 -20.25
CA ALA D 146 -12.41 -17.56 -19.86
C ALA D 146 -11.22 -17.32 -20.79
N THR D 147 -11.09 -16.09 -21.24
CA THR D 147 -10.00 -15.69 -22.13
C THR D 147 -9.61 -14.25 -21.83
N THR D 148 -8.31 -13.98 -21.83
CA THR D 148 -7.82 -12.64 -21.57
C THR D 148 -7.25 -12.07 -22.87
N GLY D 149 -6.48 -11.00 -22.78
CA GLY D 149 -5.86 -10.42 -23.97
C GLY D 149 -6.72 -9.66 -24.98
N THR D 150 -7.91 -10.16 -25.29
CA THR D 150 -8.77 -9.49 -26.25
C THR D 150 -9.17 -8.11 -25.74
N ASP D 151 -8.61 -7.09 -26.37
CA ASP D 151 -8.85 -5.69 -26.00
C ASP D 151 -8.19 -5.36 -24.67
N GLY D 152 -7.31 -6.25 -24.22
CA GLY D 152 -6.63 -6.06 -22.95
C GLY D 152 -7.58 -6.35 -21.80
N ASN D 153 -8.77 -6.87 -22.14
CA ASN D 153 -9.78 -7.20 -21.15
C ASN D 153 -9.78 -8.69 -20.84
N LEU D 154 -10.76 -9.11 -20.06
CA LEU D 154 -10.90 -10.51 -19.68
C LEU D 154 -12.33 -10.95 -19.96
N GLU D 155 -12.49 -11.85 -20.92
CA GLU D 155 -13.80 -12.38 -21.30
C GLU D 155 -14.14 -13.69 -20.59
N LEU D 156 -15.00 -13.60 -19.60
CA LEU D 156 -15.41 -14.77 -18.81
C LEU D 156 -16.18 -15.83 -19.61
N THR D 157 -16.97 -15.40 -20.60
CA THR D 157 -17.76 -16.32 -21.41
C THR D 157 -17.49 -16.14 -22.91
N ARG D 158 -18.13 -16.96 -23.73
CA ARG D 158 -17.94 -16.90 -25.19
C ARG D 158 -18.42 -15.61 -25.85
N VAL D 159 -17.57 -15.05 -26.68
CA VAL D 159 -17.89 -13.83 -27.42
C VAL D 159 -17.38 -14.03 -28.85
N SER D 160 -18.30 -13.92 -29.82
CA SER D 160 -18.00 -14.10 -31.24
C SER D 160 -17.04 -13.04 -31.77
N SER D 161 -16.44 -13.34 -32.92
CA SER D 161 -15.48 -12.44 -33.57
C SER D 161 -16.03 -11.02 -33.69
N ASN D 162 -17.27 -10.92 -34.18
CA ASN D 162 -17.93 -9.63 -34.36
C ASN D 162 -18.31 -8.95 -33.04
N GLY D 163 -17.83 -9.50 -31.93
CA GLY D 163 -18.13 -8.92 -30.63
C GLY D 163 -19.38 -9.47 -29.97
N SER D 164 -20.36 -9.89 -30.76
CA SER D 164 -21.61 -10.43 -30.22
C SER D 164 -21.37 -11.58 -29.22
N PRO D 165 -22.14 -11.58 -28.11
CA PRO D 165 -22.03 -12.61 -27.07
C PRO D 165 -22.71 -13.92 -27.46
N GLN D 166 -22.22 -15.03 -26.90
CA GLN D 166 -22.80 -16.34 -27.18
C GLN D 166 -23.52 -16.90 -25.96
N GLY D 167 -24.52 -17.75 -26.21
CA GLY D 167 -25.29 -18.32 -25.13
C GLY D 167 -24.89 -19.72 -24.75
N SER D 168 -25.07 -20.06 -23.48
CA SER D 168 -24.71 -21.37 -22.95
C SER D 168 -23.21 -21.45 -22.87
N SER D 169 -22.64 -20.57 -22.06
CA SER D 169 -21.20 -20.50 -21.88
C SER D 169 -20.93 -20.31 -20.38
N VAL D 170 -19.76 -20.75 -19.94
CA VAL D 170 -19.34 -20.64 -18.55
C VAL D 170 -17.84 -20.49 -18.55
N GLY D 171 -17.34 -19.57 -17.72
CA GLY D 171 -15.92 -19.34 -17.63
C GLY D 171 -15.59 -18.91 -16.22
N ARG D 172 -14.33 -19.05 -15.84
CA ARG D 172 -13.90 -18.66 -14.50
C ARG D 172 -12.49 -18.09 -14.58
N ALA D 173 -12.07 -17.48 -13.49
CA ALA D 173 -10.73 -16.91 -13.41
C ALA D 173 -10.41 -16.91 -11.94
N LEU D 174 -9.38 -17.67 -11.56
CA LEU D 174 -8.96 -17.75 -10.16
C LEU D 174 -7.51 -17.34 -10.10
N PHE D 175 -7.15 -16.54 -9.09
CA PHE D 175 -5.76 -16.13 -8.96
C PHE D 175 -4.96 -17.39 -8.68
N TYR D 176 -3.75 -17.46 -9.22
CA TYR D 176 -2.89 -18.62 -9.05
C TYR D 176 -2.56 -19.03 -7.61
N ALA D 177 -2.00 -18.11 -6.83
CA ALA D 177 -1.59 -18.43 -5.46
C ALA D 177 -2.75 -18.54 -4.47
N PRO D 178 -2.70 -19.58 -3.60
CA PRO D 178 -3.74 -19.80 -2.60
C PRO D 178 -3.72 -18.65 -1.60
N VAL D 179 -4.89 -18.32 -1.04
CA VAL D 179 -5.04 -17.25 -0.08
C VAL D 179 -5.39 -17.84 1.27
N HIS D 180 -4.54 -17.57 2.26
CA HIS D 180 -4.74 -18.05 3.62
C HIS D 180 -5.81 -17.11 4.20
N ILE D 181 -7.07 -17.35 3.83
CA ILE D 181 -8.20 -16.50 4.24
C ILE D 181 -8.42 -16.27 5.73
N TRP D 182 -7.92 -17.16 6.59
CA TRP D 182 -8.08 -16.98 8.03
C TRP D 182 -7.11 -17.86 8.80
N GLU D 183 -7.02 -17.62 10.11
CA GLU D 183 -6.10 -18.37 10.97
C GLU D 183 -6.41 -18.01 12.42
N SER D 184 -6.46 -19.02 13.29
CA SER D 184 -6.78 -18.85 14.71
C SER D 184 -6.07 -17.69 15.43
N SER D 185 -4.74 -17.64 15.34
CA SER D 185 -3.97 -16.61 16.01
C SER D 185 -4.27 -15.18 15.53
N ALA D 186 -4.99 -15.07 14.42
CA ALA D 186 -5.31 -13.78 13.86
C ALA D 186 -6.34 -13.04 14.69
N VAL D 187 -5.95 -11.85 15.15
CA VAL D 187 -6.84 -10.99 15.93
C VAL D 187 -7.76 -10.23 14.97
N VAL D 188 -7.28 -9.99 13.74
CA VAL D 188 -8.05 -9.28 12.71
C VAL D 188 -7.76 -9.82 11.32
N ALA D 189 -8.72 -10.50 10.73
CA ALA D 189 -8.58 -11.02 9.38
C ALA D 189 -9.54 -10.18 8.58
N SER D 190 -9.22 -9.93 7.32
CA SER D 190 -10.11 -9.11 6.50
C SER D 190 -9.62 -8.98 5.08
N PHE D 191 -10.53 -9.15 4.13
CA PHE D 191 -10.16 -9.02 2.73
C PHE D 191 -10.98 -7.91 2.10
N GLU D 192 -10.64 -7.57 0.87
CA GLU D 192 -11.32 -6.52 0.14
C GLU D 192 -11.12 -6.83 -1.33
N ALA D 193 -12.17 -6.64 -2.12
CA ALA D 193 -12.11 -6.90 -3.57
C ALA D 193 -12.78 -5.77 -4.34
N THR D 194 -12.28 -5.48 -5.53
CA THR D 194 -12.80 -4.41 -6.35
C THR D 194 -12.63 -4.74 -7.82
N PHE D 195 -13.71 -4.68 -8.60
CA PHE D 195 -13.62 -4.97 -10.03
C PHE D 195 -14.63 -4.22 -10.90
N THR D 196 -14.18 -3.83 -12.08
CA THR D 196 -15.00 -3.12 -13.04
C THR D 196 -15.45 -4.11 -14.13
N PHE D 197 -16.68 -3.93 -14.62
CA PHE D 197 -17.24 -4.82 -15.63
C PHE D 197 -18.04 -4.10 -16.71
N LEU D 198 -18.32 -4.82 -17.79
CA LEU D 198 -19.07 -4.29 -18.92
C LEU D 198 -19.98 -5.40 -19.46
N ILE D 199 -21.23 -5.40 -19.00
CA ILE D 199 -22.24 -6.37 -19.42
C ILE D 199 -23.16 -5.67 -20.41
N LYS D 200 -23.28 -6.22 -21.61
CA LYS D 200 -24.11 -5.63 -22.65
C LYS D 200 -24.75 -6.71 -23.52
N SER D 201 -26.06 -6.60 -23.74
CA SER D 201 -26.79 -7.54 -24.57
C SER D 201 -27.45 -6.80 -25.73
N PRO D 202 -27.15 -7.21 -26.97
CA PRO D 202 -27.68 -6.61 -28.20
C PRO D 202 -29.19 -6.79 -28.41
N ASP D 203 -29.98 -6.33 -27.45
CA ASP D 203 -31.44 -6.43 -27.51
C ASP D 203 -32.07 -5.74 -26.29
N SER D 204 -32.42 -6.52 -25.28
CA SER D 204 -33.02 -5.97 -24.08
C SER D 204 -33.20 -7.02 -22.99
N HIS D 205 -33.11 -8.30 -23.36
CA HIS D 205 -33.30 -9.40 -22.40
C HIS D 205 -32.01 -10.21 -22.17
N PRO D 206 -31.06 -9.68 -21.37
CA PRO D 206 -29.80 -10.36 -21.09
C PRO D 206 -29.92 -11.42 -20.01
N ALA D 207 -28.80 -12.09 -19.74
CA ALA D 207 -28.70 -13.14 -18.73
C ALA D 207 -27.35 -13.82 -18.93
N ASP D 208 -26.63 -14.11 -17.85
CA ASP D 208 -27.22 -14.58 -16.60
C ASP D 208 -26.57 -13.96 -15.37
N GLY D 209 -25.42 -13.32 -15.55
CA GLY D 209 -24.77 -12.69 -14.41
C GLY D 209 -23.32 -13.05 -14.22
N ILE D 210 -22.70 -12.34 -13.27
CA ILE D 210 -21.29 -12.52 -12.91
C ILE D 210 -21.27 -12.72 -11.40
N ALA D 211 -20.17 -13.22 -10.85
CA ALA D 211 -20.09 -13.42 -9.41
C ALA D 211 -18.65 -13.50 -8.93
N PHE D 212 -18.39 -12.97 -7.73
CA PHE D 212 -17.06 -13.01 -7.13
C PHE D 212 -17.16 -14.09 -6.07
N PHE D 213 -16.42 -15.18 -6.26
CA PHE D 213 -16.46 -16.28 -5.33
C PHE D 213 -15.13 -16.61 -4.66
N ILE D 214 -15.25 -17.22 -3.49
CA ILE D 214 -14.10 -17.68 -2.71
C ILE D 214 -14.38 -19.17 -2.61
N SER D 215 -13.45 -20.00 -3.06
CA SER D 215 -13.70 -21.44 -3.01
C SER D 215 -12.49 -22.23 -2.55
N ASN D 216 -12.71 -23.53 -2.36
CA ASN D 216 -11.66 -24.45 -1.96
C ASN D 216 -10.70 -24.55 -3.14
N ILE D 217 -9.41 -24.46 -2.81
CA ILE D 217 -8.31 -24.51 -3.77
C ILE D 217 -8.59 -25.20 -5.12
N ASP D 218 -9.15 -26.40 -5.08
CA ASP D 218 -9.41 -27.19 -6.29
C ASP D 218 -10.82 -27.12 -6.92
N SER D 219 -11.43 -25.95 -6.94
CA SER D 219 -12.77 -25.83 -7.52
C SER D 219 -12.77 -25.85 -9.06
N SER D 220 -13.72 -26.59 -9.63
CA SER D 220 -13.87 -26.68 -11.08
C SER D 220 -15.33 -26.49 -11.45
N ILE D 221 -15.58 -25.90 -12.63
CA ILE D 221 -16.94 -25.65 -13.09
C ILE D 221 -17.77 -26.91 -12.96
N PRO D 222 -18.90 -26.83 -12.24
CA PRO D 222 -19.76 -28.00 -12.10
C PRO D 222 -20.40 -28.31 -13.44
N SER D 223 -20.85 -29.54 -13.64
CA SER D 223 -21.48 -29.91 -14.90
C SER D 223 -22.92 -29.41 -14.96
N GLY D 224 -23.23 -28.65 -16.00
CA GLY D 224 -24.57 -28.12 -16.17
C GLY D 224 -24.87 -26.86 -15.36
N SER D 225 -23.82 -26.21 -14.86
CA SER D 225 -23.99 -25.00 -14.08
C SER D 225 -24.08 -23.75 -14.94
N THR D 226 -24.44 -23.89 -16.21
CA THR D 226 -24.56 -22.74 -17.08
C THR D 226 -25.76 -21.91 -16.67
N GLY D 227 -25.90 -20.73 -17.26
CA GLY D 227 -27.03 -19.87 -16.96
C GLY D 227 -27.30 -19.68 -15.47
N ARG D 228 -28.53 -20.01 -15.07
CA ARG D 228 -28.97 -19.84 -13.69
C ARG D 228 -28.06 -20.33 -12.58
N LEU D 229 -27.13 -21.24 -12.89
CA LEU D 229 -26.24 -21.74 -11.85
C LEU D 229 -24.89 -21.01 -11.72
N LEU D 230 -24.66 -20.06 -12.63
CA LEU D 230 -23.46 -19.20 -12.65
C LEU D 230 -22.09 -19.88 -12.57
N GLY D 231 -22.03 -21.15 -12.95
CA GLY D 231 -20.76 -21.88 -12.91
C GLY D 231 -20.14 -21.99 -11.52
N LEU D 232 -20.94 -21.86 -10.48
CA LEU D 232 -20.43 -21.94 -9.12
C LEU D 232 -21.01 -23.13 -8.35
N PHE D 233 -22.30 -23.39 -8.55
CA PHE D 233 -22.97 -24.46 -7.83
C PHE D 233 -23.38 -25.62 -8.74
N PRO D 234 -23.24 -26.86 -8.24
CA PRO D 234 -23.59 -28.07 -8.98
C PRO D 234 -25.09 -28.19 -9.17
N ASP D 235 -25.85 -27.58 -8.27
CA ASP D 235 -27.30 -27.63 -8.35
C ASP D 235 -27.95 -26.39 -7.75
N ALA D 236 -29.07 -25.98 -8.33
CA ALA D 236 -29.81 -24.83 -7.85
C ALA D 236 -30.81 -25.32 -6.81
N ASN D 237 -30.28 -26.03 -5.82
CA ASN D 237 -31.10 -26.60 -4.76
C ASN D 237 -31.34 -25.62 -3.63
C1 PNG E . 9.83 36.14 -22.54
C2 PNG E . 10.17 36.26 -21.07
C3 PNG E . 10.66 34.93 -20.54
C4 PNG E . 9.69 33.79 -20.86
C5 PNG E . 9.31 33.81 -22.33
C6 PNG E . 8.21 32.80 -22.68
C7 PNG E . 10.99 35.86 -24.68
C8 PNG E . 12.20 35.86 -25.37
C9 PNG E . 12.25 35.81 -26.76
C10 PNG E . 11.05 35.77 -27.47
C11 PNG E . 9.83 35.76 -26.79
C12 PNG E . 9.80 35.81 -25.41
N1 PNG E . 11.07 35.74 -28.86
O1 PNG E . 11.00 35.87 -23.25
O2 PNG E . 11.21 37.22 -20.91
O3 PNG E . 10.83 35.01 -19.13
O4 PNG E . 10.32 32.56 -20.54
O5 PNG E . 8.85 35.12 -22.71
O6 PNG E . 6.98 33.12 -22.04
O7 PNG E . 10.11 35.41 -29.51
O8 PNG E . 12.05 36.05 -29.47
MN MN F . 14.81 24.42 -18.92
CA CA G . 12.64 27.42 -20.09
C1 PNG H . -10.24 11.86 40.64
C2 PNG H . -10.54 12.75 39.46
C3 PNG H . -11.13 11.88 38.37
C4 PNG H . -10.16 10.76 37.99
C5 PNG H . -9.70 9.98 39.23
C6 PNG H . -8.53 9.06 38.91
C7 PNG H . -11.53 10.38 42.13
C8 PNG H . -12.70 9.66 42.25
C9 PNG H . -12.88 8.77 43.29
C10 PNG H . -11.88 8.60 44.24
C11 PNG H . -10.69 9.32 44.12
C12 PNG H . -10.52 10.21 43.08
N1 PNG H . -12.09 7.72 45.28
O1 PNG H . -11.45 11.28 41.03
O2 PNG H . -11.52 13.70 39.85
O3 PNG H . -11.40 12.69 37.24
O4 PNG H . -10.81 9.87 37.10
O5 PNG H . -9.26 10.89 40.27
O6 PNG H . -7.34 9.79 38.67
O7 PNG H . -11.25 7.54 46.11
O8 PNG H . -13.13 7.12 45.37
MN MN I . -15.15 5.15 30.55
CA CA J . -13.16 6.36 33.14
C1 PNG K . 34.34 -26.99 1.00
C2 PNG K . 33.43 -27.19 -0.20
C3 PNG K . 32.86 -25.86 -0.67
C4 PNG K . 32.23 -25.08 0.49
C5 PNG K . 33.15 -25.03 1.70
C6 PNG K . 32.42 -24.50 2.92
C7 PNG K . 36.50 -25.96 1.53
C8 PNG K . 37.53 -25.12 1.14
C9 PNG K . 38.56 -24.81 2.02
C10 PNG K . 38.57 -25.35 3.28
C11 PNG K . 37.55 -26.19 3.69
C12 PNG K . 36.52 -26.50 2.82
N1 PNG K . 39.58 -25.01 4.15
O1 PNG K . 35.45 -26.24 0.59
O2 PNG K . 34.17 -27.77 -1.26
O3 PNG K . 31.86 -26.11 -1.66
O4 PNG K . 31.99 -23.75 0.05
O5 PNG K . 33.63 -26.35 2.03
O6 PNG K . 31.24 -25.24 3.17
O7 PNG K . 39.31 -24.36 5.12
O8 PNG K . 40.72 -25.33 3.93
MN MN L . 30.74 -14.70 -3.16
CA CA M . 31.47 -18.50 -1.12
C1 PNG N . -33.56 -20.88 -19.60
C2 PNG N . -32.83 -21.87 -18.69
C3 PNG N . -32.21 -21.19 -17.47
C4 PNG N . -31.43 -19.93 -17.87
C5 PNG N . -32.29 -19.03 -18.74
C6 PNG N . -31.55 -17.80 -19.23
C7 PNG N . -35.64 -19.60 -19.75
C8 PNG N . -36.98 -19.41 -19.40
C9 PNG N . -37.79 -18.52 -20.12
C10 PNG N . -37.25 -17.83 -21.22
C11 PNG N . -35.93 -18.03 -21.57
C12 PNG N . -35.14 -18.90 -20.85
N1 PNG N . -37.85 -16.90 -22.04
O1 PNG N . -34.79 -20.50 -19.02
O2 PNG N . -33.76 -22.84 -18.23
O3 PNG N . -31.34 -22.11 -16.84
O4 PNG N . -31.03 -19.23 -16.69
O5 PNG N . -32.72 -19.77 -19.91
O6 PNG N . -30.43 -18.15 -20.05
O7 PNG N . -38.14 -17.15 -23.19
O8 PNG N . -38.08 -15.79 -21.65
MN MN O . -30.02 -14.54 -7.88
CA CA P . -30.88 -15.70 -11.91
#